data_4ZOJ
#
_entry.id   4ZOJ
#
_cell.length_a   79.200
_cell.length_b   111.200
_cell.length_c   78.500
_cell.angle_alpha   90.00
_cell.angle_beta   90.00
_cell.angle_gamma   90.00
#
_symmetry.space_group_name_H-M   'P 21 21 2'
#
loop_
_entity.id
_entity.type
_entity.pdbx_description
1 polymer 'Anthranilate phosphoribosyltransferase'
2 non-polymer 'MAGNESIUM ION'
3 non-polymer 1-O-pyrophosphono-5-O-phosphono-alpha-D-ribofuranose
4 non-polymer '4-methyl-2-{[2-methyl-6-(methylsulfanyl)phenyl]amino}benzoic acid'
5 non-polymer 'PHOSPHATE ION'
6 non-polymer IMIDAZOLE
7 water water
#
_entity_poly.entity_id   1
_entity_poly.type   'polypeptide(L)'
_entity_poly.pdbx_seq_one_letter_code
;MVALSAEGSSGGSRGGSPKAEAASVPSWPQILGRLTDNRDLARGQAAWAMDQIMTGNARPAQIAAFAVAMTMKAPTADEV
GELAGVMLSHAHPLPADTVPDDAVDVVGTGGDGVNTVNLSTMAAIVVAAAGVPVVKHGNRAASSLSGGADTLEALGVRID
LGPDLVARSLAEVGIGFCFAPRFHPSYRHAAAVRREIGVPTVFNLLGPLTNPARPRAGLIGCAFADLAEVMAGVFAARRS
SVLVVHGDDGLDELTTTTTSTIWRVAAGSVDKLTFDPAGFGFARAQLDQLAGGDAQANAAAVRAVLGGARGPVRDAVVLN
AAGAIVAHAGLSSRAEWLPAWEEGLRRASAAIDTGAAEQLLARWVRFGRQILEHHHHHH
;
_entity_poly.pdbx_strand_id   A,B
#
loop_
_chem_comp.id
_chem_comp.type
_chem_comp.name
_chem_comp.formula
61L non-polymer '4-methyl-2-{[2-methyl-6-(methylsulfanyl)phenyl]amino}benzoic acid' 'C16 H17 N O2 S'
IMD non-polymer IMIDAZOLE 'C3 H5 N2 1'
MG non-polymer 'MAGNESIUM ION' 'Mg 2'
PO4 non-polymer 'PHOSPHATE ION' 'O4 P -3'
PRP D-saccharide 1-O-pyrophosphono-5-O-phosphono-alpha-D-ribofuranose 'C5 H13 O14 P3'
#
# COMPACT_ATOMS: atom_id res chain seq x y z
N PRO A 26 -9.55 16.03 8.16
CA PRO A 26 -9.08 14.85 7.42
C PRO A 26 -7.58 14.88 7.21
N SER A 27 -6.96 13.71 7.15
CA SER A 27 -5.51 13.62 7.00
C SER A 27 -5.11 12.27 6.44
N TRP A 28 -3.87 12.17 5.99
CA TRP A 28 -3.40 10.89 5.44
C TRP A 28 -3.30 9.79 6.50
N PRO A 29 -2.76 10.11 7.70
CA PRO A 29 -2.76 9.07 8.73
C PRO A 29 -4.16 8.58 9.10
N GLN A 30 -5.13 9.48 9.08
CA GLN A 30 -6.50 9.09 9.35
C GLN A 30 -7.04 8.16 8.25
N ILE A 31 -6.91 8.59 7.00
CA ILE A 31 -7.47 7.83 5.87
C ILE A 31 -6.72 6.52 5.63
N LEU A 32 -5.39 6.57 5.59
CA LEU A 32 -4.60 5.37 5.41
C LEU A 32 -4.78 4.40 6.57
N GLY A 33 -4.90 4.92 7.78
CA GLY A 33 -5.13 4.10 8.95
C GLY A 33 -6.45 3.35 8.84
N ARG A 34 -7.48 4.05 8.39
CA ARG A 34 -8.79 3.45 8.23
C ARG A 34 -8.74 2.34 7.17
N LEU A 35 -8.05 2.60 6.07
CA LEU A 35 -7.92 1.60 5.01
C LEU A 35 -7.12 0.36 5.46
N THR A 36 -6.00 0.59 6.14
CA THR A 36 -5.22 -0.55 6.62
C THR A 36 -5.94 -1.30 7.74
N ASP A 37 -6.94 -0.67 8.33
CA ASP A 37 -7.81 -1.40 9.27
C ASP A 37 -8.86 -2.21 8.51
N ASN A 38 -8.73 -2.24 7.18
CA ASN A 38 -9.68 -2.95 6.32
C ASN A 38 -11.12 -2.46 6.52
N ARG A 39 -11.26 -1.14 6.64
CA ARG A 39 -12.55 -0.47 6.77
C ARG A 39 -12.85 0.46 5.60
N ASP A 40 -14.11 0.46 5.17
CA ASP A 40 -14.58 1.41 4.18
C ASP A 40 -14.40 2.84 4.69
N LEU A 41 -14.17 3.78 3.77
CA LEU A 41 -13.95 5.18 4.12
C LEU A 41 -15.26 5.88 4.47
N ALA A 42 -15.18 6.91 5.29
CA ALA A 42 -16.32 7.77 5.52
C ALA A 42 -16.58 8.54 4.23
N ARG A 43 -17.80 9.00 4.04
CA ARG A 43 -18.16 9.80 2.88
C ARG A 43 -17.27 11.05 2.80
N GLY A 44 -16.71 11.31 1.62
CA GLY A 44 -15.89 12.48 1.40
C GLY A 44 -14.40 12.26 1.57
N GLN A 45 -14.03 11.18 2.27
CA GLN A 45 -12.61 10.91 2.49
C GLN A 45 -11.86 10.58 1.19
N ALA A 46 -12.45 9.71 0.36
CA ALA A 46 -11.81 9.38 -0.91
C ALA A 46 -11.64 10.64 -1.78
N ALA A 47 -12.64 11.51 -1.75
CA ALA A 47 -12.58 12.75 -2.54
C ALA A 47 -11.49 13.67 -2.00
N TRP A 48 -11.41 13.80 -0.69
CA TRP A 48 -10.33 14.59 -0.07
C TRP A 48 -8.96 14.08 -0.53
N ALA A 49 -8.76 12.78 -0.47
CA ALA A 49 -7.49 12.18 -0.84
C ALA A 49 -7.19 12.48 -2.30
N MET A 50 -8.19 12.29 -3.17
CA MET A 50 -7.94 12.46 -4.58
C MET A 50 -7.70 13.94 -4.89
N ASP A 51 -8.38 14.84 -4.19
CA ASP A 51 -8.18 16.26 -4.40
C ASP A 51 -6.76 16.69 -3.97
N GLN A 52 -6.26 16.10 -2.88
CA GLN A 52 -4.88 16.37 -2.43
C GLN A 52 -3.88 15.93 -3.50
N ILE A 53 -4.21 14.83 -4.17
CA ILE A 53 -3.36 14.24 -5.18
C ILE A 53 -3.33 15.09 -6.44
N MET A 54 -4.50 15.57 -6.85
CA MET A 54 -4.66 16.34 -8.09
C MET A 54 -4.09 17.75 -7.98
N THR A 55 -4.08 18.30 -6.77
CA THR A 55 -3.59 19.66 -6.55
C THR A 55 -2.09 19.70 -6.22
N GLY A 56 -1.43 18.55 -6.23
CA GLY A 56 0.01 18.49 -5.99
C GLY A 56 0.40 18.57 -4.51
N ASN A 57 -0.56 18.41 -3.63
CA ASN A 57 -0.28 18.50 -2.19
C ASN A 57 0.00 17.13 -1.57
N ALA A 58 0.23 16.13 -2.40
CA ALA A 58 0.48 14.76 -1.91
C ALA A 58 1.86 14.29 -2.30
N ARG A 59 2.56 13.67 -1.34
CA ARG A 59 3.86 13.09 -1.61
C ARG A 59 3.68 11.80 -2.41
N PRO A 60 4.65 11.44 -3.25
CA PRO A 60 4.57 10.15 -3.96
C PRO A 60 4.33 8.97 -3.04
N ALA A 61 4.98 8.94 -1.86
CA ALA A 61 4.77 7.85 -0.90
C ALA A 61 3.32 7.81 -0.42
N GLN A 62 2.73 8.97 -0.20
CA GLN A 62 1.32 9.05 0.18
C GLN A 62 0.42 8.59 -0.96
N ILE A 63 0.74 8.99 -2.19
CA ILE A 63 -0.07 8.61 -3.34
C ILE A 63 -0.09 7.09 -3.45
N ALA A 64 1.10 6.52 -3.30
CA ALA A 64 1.31 5.08 -3.44
C ALA A 64 0.65 4.31 -2.32
N ALA A 65 0.72 4.85 -1.11
CA ALA A 65 0.14 4.17 0.03
C ALA A 65 -1.36 4.11 -0.16
N PHE A 66 -1.93 5.23 -0.61
CA PHE A 66 -3.37 5.34 -0.82
C PHE A 66 -3.88 4.42 -1.93
N ALA A 67 -3.16 4.42 -3.05
CA ALA A 67 -3.48 3.54 -4.17
C ALA A 67 -3.51 2.07 -3.76
N VAL A 68 -2.46 1.62 -3.10
CA VAL A 68 -2.35 0.22 -2.70
C VAL A 68 -3.36 -0.16 -1.64
N ALA A 69 -3.54 0.73 -0.65
CA ALA A 69 -4.46 0.47 0.47
C ALA A 69 -5.91 0.42 0.00
N MET A 70 -6.28 1.37 -0.86
CA MET A 70 -7.60 1.36 -1.45
C MET A 70 -7.86 0.08 -2.23
N THR A 71 -6.82 -0.47 -2.83
CA THR A 71 -6.99 -1.68 -3.64
C THR A 71 -7.16 -2.91 -2.76
N MET A 72 -6.36 -3.01 -1.70
CA MET A 72 -6.40 -4.22 -0.90
C MET A 72 -7.60 -4.27 0.06
N LYS A 73 -8.15 -3.12 0.44
CA LYS A 73 -9.38 -3.10 1.25
C LYS A 73 -10.57 -3.65 0.48
N ALA A 74 -10.57 -3.43 -0.83
CA ALA A 74 -11.67 -3.70 -1.78
C ALA A 74 -12.49 -2.43 -1.89
N PRO A 75 -12.24 -1.67 -2.95
CA PRO A 75 -12.94 -0.39 -3.09
C PRO A 75 -14.42 -0.59 -3.34
N THR A 76 -15.20 0.38 -2.90
CA THR A 76 -16.63 0.40 -3.13
C THR A 76 -16.96 1.32 -4.30
N ALA A 77 -18.16 1.17 -4.85
CA ALA A 77 -18.60 2.08 -5.90
C ALA A 77 -18.63 3.53 -5.42
N ASP A 78 -19.06 3.75 -4.17
CA ASP A 78 -19.10 5.09 -3.61
C ASP A 78 -17.71 5.71 -3.64
N GLU A 79 -16.73 4.92 -3.17
CA GLU A 79 -15.35 5.40 -3.07
C GLU A 79 -14.76 5.71 -4.45
N VAL A 80 -14.82 4.75 -5.36
CA VAL A 80 -14.30 4.97 -6.72
C VAL A 80 -15.04 6.12 -7.42
N GLY A 81 -16.33 6.25 -7.15
CA GLY A 81 -17.11 7.36 -7.65
C GLY A 81 -16.62 8.72 -7.16
N GLU A 82 -16.20 8.80 -5.90
CA GLU A 82 -15.62 10.02 -5.37
C GLU A 82 -14.34 10.38 -6.10
N LEU A 83 -13.50 9.39 -6.34
CA LEU A 83 -12.23 9.60 -7.04
C LEU A 83 -12.47 10.15 -8.44
N ALA A 84 -13.32 9.46 -9.19
CA ALA A 84 -13.66 9.87 -10.54
C ALA A 84 -14.26 11.29 -10.54
N GLY A 85 -15.08 11.55 -9.53
CA GLY A 85 -15.77 12.82 -9.38
C GLY A 85 -14.80 13.96 -9.20
N VAL A 86 -13.76 13.74 -8.42
CA VAL A 86 -12.76 14.78 -8.22
C VAL A 86 -12.05 15.05 -9.54
N MET A 87 -11.68 13.98 -10.23
CA MET A 87 -10.99 14.12 -11.51
C MET A 87 -11.82 14.93 -12.49
N LEU A 88 -13.11 14.60 -12.60
CA LEU A 88 -13.99 15.32 -13.49
C LEU A 88 -14.17 16.77 -13.04
N SER A 89 -14.10 17.02 -11.73
CA SER A 89 -14.31 18.38 -11.24
C SER A 89 -13.12 19.24 -11.63
N HIS A 90 -11.99 18.59 -11.94
CA HIS A 90 -10.76 19.32 -12.30
C HIS A 90 -10.45 19.29 -13.81
N ALA A 91 -11.12 18.39 -14.54
CA ALA A 91 -10.87 18.22 -15.97
C ALA A 91 -11.28 19.44 -16.79
N HIS A 92 -10.65 19.59 -17.96
CA HIS A 92 -11.12 20.56 -18.94
C HIS A 92 -12.44 20.06 -19.51
N PRO A 93 -13.51 20.86 -19.40
CA PRO A 93 -14.78 20.41 -19.98
C PRO A 93 -14.86 20.76 -21.45
N LEU A 94 -15.84 20.23 -22.15
CA LEU A 94 -16.16 20.73 -23.48
C LEU A 94 -17.09 21.93 -23.32
N PRO A 95 -17.16 22.78 -24.35
CA PRO A 95 -18.07 23.94 -24.25
C PRO A 95 -19.51 23.49 -24.07
N ALA A 96 -20.36 24.35 -23.51
CA ALA A 96 -21.76 23.97 -23.25
C ALA A 96 -22.49 23.72 -24.56
N ASP A 97 -23.40 22.73 -24.56
CA ASP A 97 -24.23 22.43 -25.72
C ASP A 97 -23.44 22.06 -26.97
N THR A 98 -22.36 21.30 -26.79
CA THR A 98 -21.54 20.81 -27.92
C THR A 98 -21.49 19.27 -27.98
N VAL A 99 -21.92 18.63 -26.89
CA VAL A 99 -21.93 17.18 -26.81
C VAL A 99 -23.38 16.69 -26.89
N PRO A 100 -23.74 15.92 -27.93
CA PRO A 100 -25.12 15.41 -28.02
C PRO A 100 -25.51 14.59 -26.80
N ASP A 101 -26.76 14.63 -26.34
CA ASP A 101 -27.17 13.93 -25.14
C ASP A 101 -27.03 12.40 -25.25
N ASP A 102 -26.91 11.90 -26.47
CA ASP A 102 -26.82 10.46 -26.70
C ASP A 102 -25.42 10.04 -27.17
N ALA A 103 -24.41 10.83 -26.83
CA ALA A 103 -23.05 10.48 -27.25
C ALA A 103 -22.58 9.24 -26.48
N VAL A 104 -21.73 8.47 -27.12
CA VAL A 104 -21.21 7.24 -26.53
C VAL A 104 -19.69 7.24 -26.49
N ASP A 105 -19.18 6.51 -25.51
CA ASP A 105 -17.75 6.24 -25.39
C ASP A 105 -17.50 4.77 -25.68
N VAL A 106 -16.31 4.47 -26.17
CA VAL A 106 -15.84 3.09 -26.31
C VAL A 106 -14.39 3.07 -25.85
N VAL A 107 -14.14 2.49 -24.69
CA VAL A 107 -12.85 2.62 -24.04
C VAL A 107 -12.74 1.57 -22.96
N GLY A 108 -11.51 1.19 -22.67
CA GLY A 108 -11.26 0.19 -21.66
C GLY A 108 -10.15 0.63 -20.72
N THR A 109 -9.99 -0.14 -19.65
CA THR A 109 -8.92 0.09 -18.67
C THR A 109 -7.55 -0.19 -19.25
N GLY A 110 -7.49 -1.10 -20.20
CA GLY A 110 -6.22 -1.66 -20.64
C GLY A 110 -5.74 -2.63 -19.57
N GLY A 111 -4.49 -3.07 -19.68
CA GLY A 111 -3.89 -3.95 -18.70
C GLY A 111 -4.28 -5.41 -18.78
N ASP A 112 -4.71 -5.88 -19.94
CA ASP A 112 -5.08 -7.30 -20.06
C ASP A 112 -3.86 -8.14 -20.42
N GLY A 113 -2.71 -7.49 -20.64
CA GLY A 113 -1.47 -8.18 -20.94
C GLY A 113 -1.53 -9.11 -22.15
N VAL A 114 -2.55 -8.94 -22.99
CA VAL A 114 -2.75 -9.81 -24.14
C VAL A 114 -2.23 -9.16 -25.43
N ASN A 115 -2.01 -7.85 -25.41
CA ASN A 115 -1.48 -7.11 -26.55
C ASN A 115 -2.17 -7.43 -27.89
N THR A 116 -3.37 -6.87 -28.05
CA THR A 116 -4.20 -7.13 -29.23
C THR A 116 -4.14 -5.97 -30.20
N VAL A 117 -4.80 -6.12 -31.34
CA VAL A 117 -5.07 -4.97 -32.18
C VAL A 117 -6.00 -4.04 -31.39
N ASN A 118 -6.15 -2.80 -31.84
CA ASN A 118 -6.90 -1.80 -31.07
C ASN A 118 -8.41 -1.90 -31.29
N LEU A 119 -9.05 -2.85 -30.63
CA LEU A 119 -10.46 -3.13 -30.85
C LEU A 119 -11.41 -1.97 -30.52
N SER A 120 -11.15 -1.24 -29.43
CA SER A 120 -12.05 -0.17 -29.03
C SER A 120 -12.04 0.96 -30.04
N THR A 121 -10.86 1.32 -30.50
CA THR A 121 -10.70 2.39 -31.50
C THR A 121 -11.35 2.06 -32.85
N MET A 122 -11.17 0.84 -33.32
CA MET A 122 -11.81 0.38 -34.54
C MET A 122 -13.34 0.38 -34.38
N ALA A 123 -13.81 -0.14 -33.25
CA ALA A 123 -15.24 -0.14 -32.98
C ALA A 123 -15.79 1.28 -32.95
N ALA A 124 -15.07 2.17 -32.27
CA ALA A 124 -15.48 3.55 -32.18
C ALA A 124 -15.71 4.18 -33.54
N ILE A 125 -14.82 3.88 -34.48
CA ILE A 125 -14.92 4.46 -35.81
C ILE A 125 -16.22 3.96 -36.47
N VAL A 126 -16.46 2.66 -36.35
CA VAL A 126 -17.59 2.00 -36.99
C VAL A 126 -18.89 2.54 -36.41
N VAL A 127 -18.90 2.70 -35.09
CA VAL A 127 -20.08 3.18 -34.38
C VAL A 127 -20.42 4.60 -34.86
N ALA A 128 -19.39 5.45 -34.97
CA ALA A 128 -19.58 6.83 -35.46
C ALA A 128 -20.14 6.79 -36.86
N ALA A 129 -19.61 5.87 -37.65
CA ALA A 129 -19.98 5.76 -39.05
C ALA A 129 -21.43 5.30 -39.17
N ALA A 130 -21.88 4.52 -38.19
CA ALA A 130 -23.28 4.10 -38.15
C ALA A 130 -24.19 5.24 -37.70
N GLY A 131 -23.62 6.36 -37.26
CA GLY A 131 -24.43 7.53 -36.94
C GLY A 131 -24.67 7.76 -35.46
N VAL A 132 -24.04 6.95 -34.62
CA VAL A 132 -24.06 7.24 -33.19
C VAL A 132 -22.91 8.19 -32.84
N PRO A 133 -23.21 9.39 -32.34
CA PRO A 133 -22.09 10.27 -32.00
C PRO A 133 -21.15 9.65 -30.93
N VAL A 134 -19.85 9.73 -31.19
CA VAL A 134 -18.81 9.14 -30.33
C VAL A 134 -17.85 10.20 -29.82
N VAL A 135 -17.76 10.36 -28.51
CA VAL A 135 -16.68 11.16 -27.97
C VAL A 135 -15.84 10.18 -27.16
N LYS A 136 -14.69 9.84 -27.74
CA LYS A 136 -13.87 8.77 -27.23
C LYS A 136 -12.78 9.31 -26.32
N HIS A 137 -12.71 8.72 -25.13
CA HIS A 137 -11.62 8.95 -24.19
C HIS A 137 -10.53 7.97 -24.51
N GLY A 138 -9.30 8.45 -24.65
CA GLY A 138 -8.23 7.55 -24.98
C GLY A 138 -6.92 7.95 -24.36
N ASN A 139 -5.94 7.08 -24.55
CA ASN A 139 -4.64 7.25 -23.95
C ASN A 139 -3.66 6.37 -24.68
N ARG A 140 -2.36 6.63 -24.51
CA ARG A 140 -1.34 5.75 -25.07
C ARG A 140 -1.30 4.44 -24.32
N ALA A 141 -0.51 3.50 -24.82
CA ALA A 141 -0.37 2.20 -24.18
C ALA A 141 0.42 2.33 -22.87
N ALA A 142 0.15 1.41 -21.94
CA ALA A 142 0.92 1.31 -20.69
C ALA A 142 1.82 0.07 -20.72
N SER A 143 1.29 -1.04 -21.21
CA SER A 143 2.03 -2.31 -21.30
CA SER A 143 2.04 -2.30 -21.30
C SER A 143 2.03 -2.87 -22.71
N SER A 144 0.97 -2.56 -23.46
CA SER A 144 0.85 -3.02 -24.85
C SER A 144 1.81 -2.25 -25.76
N LEU A 145 2.02 -2.76 -26.97
CA LEU A 145 2.97 -2.14 -27.89
C LEU A 145 2.42 -0.85 -28.45
N SER A 146 1.13 -0.86 -28.77
CA SER A 146 0.46 0.32 -29.28
C SER A 146 -0.95 0.45 -28.71
N GLY A 147 -1.23 1.56 -28.07
CA GLY A 147 -2.56 1.81 -27.53
C GLY A 147 -3.42 2.54 -28.56
N GLY A 148 -4.66 2.84 -28.19
CA GLY A 148 -5.56 3.58 -29.05
C GLY A 148 -4.99 4.90 -29.51
N ALA A 149 -4.48 5.71 -28.57
CA ALA A 149 -3.94 7.01 -28.93
C ALA A 149 -2.75 6.87 -29.90
N ASP A 150 -1.92 5.85 -29.69
CA ASP A 150 -0.72 5.59 -30.52
C ASP A 150 -1.11 5.21 -31.94
N THR A 151 -2.10 4.34 -32.05
CA THR A 151 -2.56 3.91 -33.35
C THR A 151 -3.30 5.00 -34.09
N LEU A 152 -4.09 5.80 -33.40
CA LEU A 152 -4.77 6.93 -34.06
C LEU A 152 -3.75 7.89 -34.64
N GLU A 153 -2.72 8.18 -33.84
CA GLU A 153 -1.59 9.00 -34.24
C GLU A 153 -1.02 8.51 -35.57
N ALA A 154 -0.73 7.21 -35.59
CA ALA A 154 -0.13 6.56 -36.74
C ALA A 154 -1.03 6.62 -37.97
N LEU A 155 -2.34 6.75 -37.75
CA LEU A 155 -3.32 6.87 -38.83
C LEU A 155 -3.44 8.29 -39.34
N GLY A 156 -2.78 9.22 -38.66
CA GLY A 156 -2.83 10.62 -39.04
C GLY A 156 -3.96 11.36 -38.39
N VAL A 157 -4.58 10.75 -37.39
CA VAL A 157 -5.63 11.41 -36.63
C VAL A 157 -4.98 12.24 -35.53
N ARG A 158 -5.43 13.48 -35.36
CA ARG A 158 -4.87 14.36 -34.33
C ARG A 158 -5.38 14.00 -32.94
N ILE A 159 -4.45 13.71 -32.04
CA ILE A 159 -4.78 13.36 -30.67
C ILE A 159 -4.53 14.52 -29.69
N ASP A 160 -4.12 15.67 -30.21
CA ASP A 160 -3.71 16.79 -29.37
C ASP A 160 -4.77 17.87 -29.27
N LEU A 161 -5.96 17.60 -29.83
CA LEU A 161 -7.00 18.62 -29.90
C LEU A 161 -7.57 18.98 -28.53
N GLY A 162 -7.86 20.26 -28.36
CA GLY A 162 -8.45 20.76 -27.14
C GLY A 162 -9.98 20.79 -27.22
N PRO A 163 -10.62 21.25 -26.14
CA PRO A 163 -12.08 21.17 -26.01
C PRO A 163 -12.85 21.70 -27.23
N ASP A 164 -12.50 22.89 -27.71
CA ASP A 164 -13.22 23.50 -28.82
C ASP A 164 -13.09 22.69 -30.09
N LEU A 165 -11.88 22.22 -30.37
CA LEU A 165 -11.63 21.44 -31.57
C LEU A 165 -12.26 20.05 -31.52
N VAL A 166 -12.28 19.44 -30.34
CA VAL A 166 -12.93 18.13 -30.17
C VAL A 166 -14.41 18.34 -30.43
N ALA A 167 -14.94 19.44 -29.91
CA ALA A 167 -16.34 19.78 -30.08
C ALA A 167 -16.66 19.95 -31.56
N ARG A 168 -15.72 20.55 -32.28
CA ARG A 168 -15.90 20.76 -33.72
C ARG A 168 -15.77 19.45 -34.47
N SER A 169 -14.79 18.65 -34.08
CA SER A 169 -14.59 17.32 -34.67
C SER A 169 -15.89 16.51 -34.57
N LEU A 170 -16.46 16.50 -33.37
CA LEU A 170 -17.68 15.75 -33.11
C LEU A 170 -18.83 16.20 -34.02
N ALA A 171 -19.00 17.49 -34.17
CA ALA A 171 -20.09 18.01 -34.97
C ALA A 171 -19.84 17.78 -36.46
N GLU A 172 -18.58 17.94 -36.89
CA GLU A 172 -18.27 17.94 -38.32
C GLU A 172 -18.01 16.55 -38.87
N VAL A 173 -17.42 15.68 -38.06
CA VAL A 173 -17.04 14.35 -38.51
C VAL A 173 -17.93 13.26 -37.91
N GLY A 174 -18.47 13.53 -36.72
CA GLY A 174 -19.28 12.55 -36.00
C GLY A 174 -18.52 11.81 -34.92
N ILE A 175 -17.24 12.16 -34.75
CA ILE A 175 -16.42 11.55 -33.71
C ILE A 175 -15.41 12.55 -33.20
N GLY A 176 -15.20 12.53 -31.88
CA GLY A 176 -14.19 13.35 -31.23
C GLY A 176 -13.30 12.49 -30.35
N PHE A 177 -12.02 12.82 -30.28
CA PHE A 177 -11.08 12.08 -29.43
C PHE A 177 -10.49 12.96 -28.35
N CYS A 178 -10.82 12.62 -27.10
CA CYS A 178 -10.29 13.30 -25.92
C CYS A 178 -9.09 12.54 -25.41
N PHE A 179 -7.91 13.10 -25.64
CA PHE A 179 -6.67 12.50 -25.17
C PHE A 179 -6.50 12.78 -23.68
N ALA A 180 -6.46 11.71 -22.89
CA ALA A 180 -6.58 11.83 -21.43
C ALA A 180 -5.59 12.82 -20.83
N PRO A 181 -4.28 12.70 -21.15
CA PRO A 181 -3.33 13.65 -20.56
C PRO A 181 -3.69 15.10 -20.87
N ARG A 182 -4.35 15.34 -22.00
CA ARG A 182 -4.64 16.71 -22.43
C ARG A 182 -5.81 17.34 -21.66
N PHE A 183 -6.76 16.52 -21.23
CA PHE A 183 -7.95 17.01 -20.55
C PHE A 183 -7.84 16.87 -19.03
N HIS A 184 -6.92 16.01 -18.58
CA HIS A 184 -6.69 15.72 -17.15
C HIS A 184 -5.25 16.04 -16.71
N PRO A 185 -4.79 17.26 -16.96
CA PRO A 185 -3.39 17.63 -16.67
C PRO A 185 -2.97 17.38 -15.22
N SER A 186 -3.90 17.57 -14.28
CA SER A 186 -3.59 17.43 -12.84
C SER A 186 -3.42 15.99 -12.37
N TYR A 187 -3.56 15.03 -13.27
CA TYR A 187 -3.47 13.62 -12.93
C TYR A 187 -2.04 13.08 -13.09
N ARG A 188 -1.13 13.90 -13.61
CA ARG A 188 0.23 13.44 -13.88
C ARG A 188 0.95 12.89 -12.65
N HIS A 189 0.74 13.48 -11.47
CA HIS A 189 1.43 13.00 -10.29
C HIS A 189 1.04 11.56 -10.04
N ALA A 190 -0.27 11.31 -10.04
CA ALA A 190 -0.78 9.98 -9.81
C ALA A 190 -0.26 8.97 -10.85
N ALA A 191 -0.35 9.32 -12.13
CA ALA A 191 0.08 8.42 -13.20
C ALA A 191 1.56 8.03 -13.04
N ALA A 192 2.38 9.00 -12.65
CA ALA A 192 3.80 8.73 -12.40
C ALA A 192 4.02 7.66 -11.32
N VAL A 193 3.39 7.84 -10.17
CA VAL A 193 3.49 6.86 -9.09
C VAL A 193 3.06 5.49 -9.57
N ARG A 194 2.03 5.45 -10.41
CA ARG A 194 1.50 4.19 -10.88
C ARG A 194 2.51 3.41 -11.70
N ARG A 195 3.20 4.10 -12.60
CA ARG A 195 4.25 3.47 -13.40
C ARG A 195 5.37 2.97 -12.49
N GLU A 196 5.72 3.77 -11.48
CA GLU A 196 6.80 3.38 -10.57
C GLU A 196 6.54 2.08 -9.83
N ILE A 197 5.30 1.83 -9.40
CA ILE A 197 5.01 0.66 -8.59
C ILE A 197 4.56 -0.51 -9.45
N GLY A 198 4.09 -0.21 -10.66
CA GLY A 198 3.80 -1.23 -11.66
C GLY A 198 2.54 -2.05 -11.47
N VAL A 199 2.20 -2.34 -10.23
CA VAL A 199 1.07 -3.20 -9.96
C VAL A 199 -0.20 -2.42 -10.27
N PRO A 200 -1.20 -3.11 -10.84
CA PRO A 200 -2.48 -2.42 -11.02
C PRO A 200 -3.10 -2.07 -9.67
N THR A 201 -3.79 -0.94 -9.63
CA THR A 201 -4.52 -0.51 -8.45
C THR A 201 -5.89 0.03 -8.86
N VAL A 202 -6.64 0.55 -7.89
CA VAL A 202 -7.94 1.15 -8.13
C VAL A 202 -7.83 2.29 -9.15
N PHE A 203 -6.66 2.91 -9.24
CA PHE A 203 -6.46 4.01 -10.19
CA PHE A 203 -6.48 4.02 -10.19
C PHE A 203 -6.59 3.52 -11.64
N ASN A 204 -6.35 2.23 -11.85
CA ASN A 204 -6.49 1.62 -13.17
C ASN A 204 -7.93 1.59 -13.67
N LEU A 205 -8.89 1.84 -12.78
CA LEU A 205 -10.30 1.94 -13.16
C LEU A 205 -10.73 3.33 -13.65
N LEU A 206 -9.94 4.35 -13.34
CA LEU A 206 -10.44 5.71 -13.44
C LEU A 206 -10.56 6.23 -14.89
N GLY A 207 -9.64 5.83 -15.76
CA GLY A 207 -9.65 6.23 -17.16
C GLY A 207 -11.03 6.19 -17.79
N PRO A 208 -11.64 4.99 -17.84
CA PRO A 208 -12.95 4.89 -18.46
C PRO A 208 -14.03 5.68 -17.73
N LEU A 209 -13.80 5.96 -16.45
CA LEU A 209 -14.81 6.61 -15.62
C LEU A 209 -14.72 8.14 -15.67
N THR A 210 -13.77 8.68 -16.43
CA THR A 210 -13.53 10.12 -16.39
C THR A 210 -13.42 10.75 -17.77
N ASN A 211 -14.23 10.28 -18.71
CA ASN A 211 -14.38 10.98 -19.98
C ASN A 211 -14.80 12.44 -19.72
N PRO A 212 -14.00 13.41 -20.17
CA PRO A 212 -14.33 14.80 -19.83
C PRO A 212 -15.59 15.34 -20.52
N ALA A 213 -16.02 14.74 -21.62
CA ALA A 213 -17.27 15.13 -22.27
C ALA A 213 -18.49 14.61 -21.53
N ARG A 214 -18.27 13.73 -20.57
CA ARG A 214 -19.35 13.11 -19.79
C ARG A 214 -20.50 12.50 -20.63
N PRO A 215 -20.15 11.67 -21.62
CA PRO A 215 -21.20 10.93 -22.35
C PRO A 215 -22.00 10.06 -21.39
N ARG A 216 -23.24 9.74 -21.73
CA ARG A 216 -24.10 9.04 -20.80
C ARG A 216 -24.22 7.58 -21.18
N ALA A 217 -23.55 7.20 -22.25
CA ALA A 217 -23.59 5.82 -22.70
C ALA A 217 -22.19 5.32 -23.10
N GLY A 218 -22.00 4.02 -23.03
CA GLY A 218 -20.70 3.47 -23.39
C GLY A 218 -20.56 1.98 -23.36
N LEU A 219 -19.53 1.53 -24.07
CA LEU A 219 -19.03 0.18 -24.00
C LEU A 219 -17.68 0.26 -23.31
N ILE A 220 -17.62 -0.27 -22.10
CA ILE A 220 -16.49 -0.02 -21.20
C ILE A 220 -15.77 -1.30 -20.85
N GLY A 221 -14.52 -1.39 -21.28
CA GLY A 221 -13.71 -2.57 -21.02
C GLY A 221 -13.03 -2.56 -19.68
N CYS A 222 -13.08 -3.70 -18.98
CA CYS A 222 -12.41 -3.84 -17.69
C CYS A 222 -11.59 -5.12 -17.67
N ALA A 223 -10.28 -4.98 -17.52
CA ALA A 223 -9.37 -6.13 -17.54
C ALA A 223 -9.44 -6.93 -16.24
N PHE A 224 -9.96 -6.30 -15.19
CA PHE A 224 -9.98 -6.88 -13.85
C PHE A 224 -11.35 -7.37 -13.48
N ALA A 225 -11.54 -8.68 -13.56
CA ALA A 225 -12.86 -9.27 -13.42
C ALA A 225 -13.52 -8.90 -12.09
N ASP A 226 -12.73 -8.77 -11.02
CA ASP A 226 -13.28 -8.57 -9.68
C ASP A 226 -13.57 -7.09 -9.38
N LEU A 227 -13.19 -6.19 -10.28
CA LEU A 227 -13.46 -4.76 -10.10
C LEU A 227 -14.49 -4.23 -11.10
N ALA A 228 -14.90 -5.06 -12.04
CA ALA A 228 -15.79 -4.60 -13.10
C ALA A 228 -17.14 -4.20 -12.52
N GLU A 229 -17.55 -4.93 -11.50
CA GLU A 229 -18.84 -4.68 -10.86
C GLU A 229 -18.82 -3.32 -10.18
N VAL A 230 -17.67 -2.97 -9.61
CA VAL A 230 -17.51 -1.68 -8.95
C VAL A 230 -17.59 -0.58 -10.01
N MET A 231 -16.91 -0.79 -11.12
CA MET A 231 -17.03 0.17 -12.22
C MET A 231 -18.48 0.35 -12.66
N ALA A 232 -19.20 -0.75 -12.81
CA ALA A 232 -20.60 -0.68 -13.22
C ALA A 232 -21.40 0.11 -12.20
N GLY A 233 -21.06 -0.08 -10.93
CA GLY A 233 -21.74 0.61 -9.86
C GLY A 233 -21.55 2.11 -9.99
N VAL A 234 -20.35 2.55 -10.37
CA VAL A 234 -20.11 3.99 -10.54
C VAL A 234 -21.00 4.52 -11.69
N PHE A 235 -21.10 3.80 -12.79
CA PHE A 235 -21.91 4.27 -13.91
C PHE A 235 -23.38 4.28 -13.54
N ALA A 236 -23.81 3.28 -12.78
CA ALA A 236 -25.20 3.22 -12.36
C ALA A 236 -25.58 4.46 -11.55
N ALA A 237 -24.70 4.87 -10.64
CA ALA A 237 -24.96 6.04 -9.80
C ALA A 237 -25.18 7.30 -10.65
N ARG A 238 -24.48 7.38 -11.78
CA ARG A 238 -24.64 8.49 -12.73
C ARG A 238 -25.79 8.32 -13.70
N ARG A 239 -26.47 7.19 -13.58
CA ARG A 239 -27.56 6.80 -14.48
C ARG A 239 -27.13 6.80 -15.95
N SER A 240 -25.94 6.30 -16.21
CA SER A 240 -25.46 6.11 -17.58
C SER A 240 -26.05 4.81 -18.12
N SER A 241 -26.08 4.68 -19.44
CA SER A 241 -26.43 3.40 -20.07
C SER A 241 -25.17 2.74 -20.59
N VAL A 242 -24.64 1.80 -19.82
CA VAL A 242 -23.33 1.24 -20.09
C VAL A 242 -23.31 -0.30 -20.07
N LEU A 243 -22.49 -0.88 -20.94
CA LEU A 243 -22.06 -2.27 -20.79
C LEU A 243 -20.59 -2.30 -20.38
N VAL A 244 -20.35 -2.72 -19.13
CA VAL A 244 -18.99 -2.93 -18.68
C VAL A 244 -18.65 -4.37 -19.06
N VAL A 245 -17.58 -4.55 -19.83
CA VAL A 245 -17.27 -5.87 -20.39
C VAL A 245 -15.89 -6.40 -20.03
N HIS A 246 -15.85 -7.72 -19.81
CA HIS A 246 -14.62 -8.44 -19.50
C HIS A 246 -14.68 -9.80 -20.19
N GLY A 247 -13.80 -10.01 -21.15
CA GLY A 247 -13.74 -11.26 -21.89
C GLY A 247 -13.22 -12.35 -20.97
N ASP A 248 -13.87 -13.51 -20.98
CA ASP A 248 -13.50 -14.58 -20.08
C ASP A 248 -12.12 -15.16 -20.42
N ASP A 249 -11.50 -14.66 -21.49
CA ASP A 249 -10.09 -14.92 -21.79
C ASP A 249 -9.15 -13.83 -21.24
N GLY A 250 -9.70 -12.85 -20.54
CA GLY A 250 -8.90 -11.78 -19.96
C GLY A 250 -8.97 -10.44 -20.68
N LEU A 251 -9.51 -10.40 -21.90
CA LEU A 251 -9.56 -9.17 -22.67
C LEU A 251 -10.41 -8.09 -22.01
N ASP A 252 -9.97 -6.83 -22.05
CA ASP A 252 -10.85 -5.72 -21.66
C ASP A 252 -11.71 -5.29 -22.85
N GLU A 253 -12.29 -6.28 -23.52
CA GLU A 253 -13.13 -6.08 -24.69
C GLU A 253 -14.18 -7.20 -24.74
N LEU A 254 -15.15 -7.11 -25.63
CA LEU A 254 -15.98 -8.27 -25.94
C LEU A 254 -15.10 -9.14 -26.84
N THR A 255 -14.90 -10.39 -26.45
CA THR A 255 -13.96 -11.27 -27.15
C THR A 255 -14.72 -12.21 -28.08
N THR A 256 -13.98 -12.74 -29.05
CA THR A 256 -14.51 -13.74 -29.98
C THR A 256 -13.88 -15.11 -29.72
N THR A 257 -12.94 -15.17 -28.76
CA THR A 257 -12.24 -16.42 -28.50
C THR A 257 -12.99 -17.32 -27.53
N THR A 258 -13.99 -16.74 -26.86
CA THR A 258 -14.79 -17.42 -25.85
C THR A 258 -15.92 -16.48 -25.38
N THR A 259 -16.58 -16.81 -24.29
CA THR A 259 -17.63 -15.96 -23.73
C THR A 259 -17.06 -14.70 -23.10
N SER A 260 -17.93 -13.72 -22.88
CA SER A 260 -17.58 -12.52 -22.11
C SER A 260 -18.56 -12.27 -20.96
N THR A 261 -18.06 -11.68 -19.87
CA THR A 261 -18.93 -11.23 -18.80
C THR A 261 -19.29 -9.77 -19.03
N ILE A 262 -20.58 -9.47 -18.92
CA ILE A 262 -21.09 -8.12 -19.11
C ILE A 262 -21.88 -7.69 -17.90
N TRP A 263 -21.49 -6.55 -17.34
CA TRP A 263 -22.29 -5.88 -16.33
C TRP A 263 -23.10 -4.81 -17.03
N ARG A 264 -24.38 -5.11 -17.24
CA ARG A 264 -25.30 -4.21 -17.92
C ARG A 264 -25.86 -3.19 -16.94
N VAL A 265 -25.66 -1.91 -17.28
CA VAL A 265 -26.08 -0.80 -16.45
C VAL A 265 -27.19 -0.05 -17.14
N ALA A 266 -28.34 0.00 -16.50
CA ALA A 266 -29.51 0.68 -17.03
C ALA A 266 -30.48 1.04 -15.90
N ALA A 267 -31.08 2.21 -16.02
CA ALA A 267 -32.04 2.68 -15.01
C ALA A 267 -31.42 2.64 -13.61
N GLY A 268 -30.15 2.99 -13.51
CA GLY A 268 -29.48 3.01 -12.24
C GLY A 268 -29.30 1.66 -11.57
N SER A 269 -29.52 0.57 -12.31
CA SER A 269 -29.34 -0.78 -11.78
C SER A 269 -28.27 -1.55 -12.55
N VAL A 270 -27.59 -2.46 -11.87
CA VAL A 270 -26.61 -3.34 -12.50
C VAL A 270 -27.05 -4.79 -12.46
N ASP A 271 -26.90 -5.50 -13.56
CA ASP A 271 -27.10 -6.95 -13.54
C ASP A 271 -26.08 -7.66 -14.41
N LYS A 272 -25.55 -8.75 -13.86
CA LYS A 272 -24.46 -9.49 -14.46
C LYS A 272 -24.97 -10.50 -15.47
N LEU A 273 -24.40 -10.46 -16.67
CA LEU A 273 -24.73 -11.37 -17.75
C LEU A 273 -23.47 -12.03 -18.31
N THR A 274 -23.65 -13.18 -18.98
CA THR A 274 -22.57 -13.79 -19.74
C THR A 274 -23.01 -13.84 -21.19
N PHE A 275 -22.09 -13.46 -22.07
CA PHE A 275 -22.41 -13.27 -23.47
C PHE A 275 -21.61 -14.23 -24.34
N ASP A 276 -22.30 -14.91 -25.26
CA ASP A 276 -21.65 -15.86 -26.18
C ASP A 276 -21.88 -15.45 -27.65
N PRO A 277 -20.83 -14.96 -28.34
CA PRO A 277 -20.99 -14.52 -29.73
C PRO A 277 -21.48 -15.61 -30.65
N ALA A 278 -21.20 -16.86 -30.29
CA ALA A 278 -21.67 -17.99 -31.09
C ALA A 278 -23.19 -17.97 -31.21
N GLY A 279 -23.87 -17.41 -30.22
CA GLY A 279 -25.31 -17.23 -30.33
C GLY A 279 -25.73 -16.31 -31.47
N PHE A 280 -24.80 -15.54 -32.02
CA PHE A 280 -25.11 -14.65 -33.15
C PHE A 280 -24.35 -15.06 -34.40
N GLY A 281 -23.90 -16.31 -34.46
CA GLY A 281 -23.33 -16.85 -35.67
C GLY A 281 -21.84 -16.62 -35.78
N PHE A 282 -21.22 -16.12 -34.71
CA PHE A 282 -19.78 -15.91 -34.72
C PHE A 282 -18.99 -17.18 -34.42
N ALA A 283 -18.04 -17.50 -35.28
CA ALA A 283 -17.12 -18.61 -35.04
C ALA A 283 -16.11 -18.24 -33.96
N ARG A 284 -15.67 -19.23 -33.21
CA ARG A 284 -14.61 -19.01 -32.25
C ARG A 284 -13.30 -18.66 -32.96
N ALA A 285 -12.54 -17.75 -32.37
CA ALA A 285 -11.22 -17.40 -32.85
C ALA A 285 -10.16 -17.73 -31.79
N GLN A 286 -8.90 -17.74 -32.21
CA GLN A 286 -7.77 -17.92 -31.30
C GLN A 286 -7.18 -16.57 -30.99
N LEU A 287 -6.71 -16.39 -29.76
CA LEU A 287 -6.15 -15.12 -29.35
C LEU A 287 -5.06 -14.63 -30.31
N ASP A 288 -4.26 -15.53 -30.85
CA ASP A 288 -3.16 -15.11 -31.71
C ASP A 288 -3.71 -14.43 -32.98
N GLN A 289 -4.96 -14.73 -33.35
CA GLN A 289 -5.56 -14.11 -34.53
C GLN A 289 -5.90 -12.64 -34.29
N LEU A 290 -6.00 -12.25 -33.02
CA LEU A 290 -6.32 -10.87 -32.67
C LEU A 290 -5.07 -10.09 -32.27
N ALA A 291 -3.93 -10.77 -32.30
CA ALA A 291 -2.66 -10.20 -31.83
C ALA A 291 -2.29 -8.96 -32.62
N GLY A 292 -1.70 -7.98 -31.94
CA GLY A 292 -1.29 -6.74 -32.57
C GLY A 292 0.21 -6.59 -32.56
N GLY A 293 0.68 -5.47 -33.12
CA GLY A 293 2.09 -5.13 -33.10
C GLY A 293 2.29 -3.67 -32.77
N ASP A 294 3.26 -3.07 -33.43
CA ASP A 294 3.55 -1.67 -33.21
C ASP A 294 2.50 -0.78 -33.87
N ALA A 295 2.64 0.53 -33.67
CA ALA A 295 1.63 1.48 -34.14
C ALA A 295 1.39 1.38 -35.65
N GLN A 296 2.45 1.16 -36.43
CA GLN A 296 2.29 1.09 -37.87
C GLN A 296 1.54 -0.19 -38.24
N ALA A 297 1.81 -1.28 -37.53
CA ALA A 297 1.14 -2.55 -37.80
C ALA A 297 -0.33 -2.47 -37.39
N ASN A 298 -0.60 -1.86 -36.24
CA ASN A 298 -1.99 -1.76 -35.79
C ASN A 298 -2.77 -0.78 -36.63
N ALA A 299 -2.08 0.23 -37.16
CA ALA A 299 -2.70 1.17 -38.06
C ALA A 299 -3.07 0.45 -39.36
N ALA A 300 -2.15 -0.36 -39.87
CA ALA A 300 -2.46 -1.18 -41.03
C ALA A 300 -3.66 -2.08 -40.76
N ALA A 301 -3.73 -2.66 -39.57
CA ALA A 301 -4.85 -3.54 -39.25
C ALA A 301 -6.20 -2.79 -39.29
N VAL A 302 -6.21 -1.55 -38.82
CA VAL A 302 -7.42 -0.72 -38.91
C VAL A 302 -7.88 -0.58 -40.35
N ARG A 303 -6.95 -0.20 -41.22
CA ARG A 303 -7.29 0.07 -42.61
C ARG A 303 -7.84 -1.19 -43.25
N ALA A 304 -7.28 -2.32 -42.88
CA ALA A 304 -7.69 -3.60 -43.45
C ALA A 304 -9.14 -3.90 -43.10
N VAL A 305 -9.48 -3.73 -41.82
CA VAL A 305 -10.85 -3.97 -41.43
C VAL A 305 -11.77 -2.98 -42.13
N LEU A 306 -11.44 -1.71 -42.06
CA LEU A 306 -12.29 -0.70 -42.65
C LEU A 306 -12.37 -0.90 -44.17
N GLY A 307 -11.37 -1.58 -44.73
CA GLY A 307 -11.32 -1.83 -46.16
C GLY A 307 -12.19 -3.00 -46.59
N GLY A 308 -12.81 -3.67 -45.63
CA GLY A 308 -13.72 -4.77 -45.92
C GLY A 308 -13.11 -6.16 -45.82
N ALA A 309 -11.88 -6.25 -45.34
CA ALA A 309 -11.26 -7.54 -45.10
C ALA A 309 -12.13 -8.35 -44.12
N ARG A 310 -12.47 -9.59 -44.52
CA ARG A 310 -13.22 -10.52 -43.67
C ARG A 310 -12.26 -11.34 -42.84
N GLY A 311 -12.68 -11.76 -41.66
CA GLY A 311 -11.78 -12.50 -40.78
C GLY A 311 -12.05 -12.26 -39.31
N PRO A 312 -11.19 -12.79 -38.46
CA PRO A 312 -11.44 -12.70 -37.01
C PRO A 312 -11.37 -11.28 -36.49
N VAL A 313 -10.52 -10.45 -37.09
CA VAL A 313 -10.40 -9.09 -36.58
C VAL A 313 -11.67 -8.32 -36.85
N ARG A 314 -12.18 -8.40 -38.08
CA ARG A 314 -13.46 -7.79 -38.39
C ARG A 314 -14.54 -8.25 -37.43
N ASP A 315 -14.65 -9.57 -37.22
CA ASP A 315 -15.74 -10.07 -36.39
C ASP A 315 -15.71 -9.41 -35.00
N ALA A 316 -14.52 -9.35 -34.41
CA ALA A 316 -14.35 -8.75 -33.08
C ALA A 316 -14.72 -7.27 -33.08
N VAL A 317 -14.37 -6.57 -34.15
CA VAL A 317 -14.72 -5.16 -34.29
C VAL A 317 -16.22 -5.00 -34.39
N VAL A 318 -16.87 -5.81 -35.22
CA VAL A 318 -18.31 -5.70 -35.44
C VAL A 318 -19.05 -5.99 -34.15
N LEU A 319 -18.58 -6.97 -33.40
CA LEU A 319 -19.19 -7.30 -32.13
C LEU A 319 -19.10 -6.16 -31.10
N ASN A 320 -17.92 -5.56 -30.96
CA ASN A 320 -17.74 -4.50 -29.98
C ASN A 320 -18.50 -3.26 -30.41
N ALA A 321 -18.52 -3.00 -31.71
CA ALA A 321 -19.32 -1.91 -32.26
C ALA A 321 -20.79 -2.10 -31.90
N ALA A 322 -21.31 -3.29 -32.12
CA ALA A 322 -22.72 -3.56 -31.83
C ALA A 322 -23.01 -3.32 -30.35
N GLY A 323 -22.05 -3.69 -29.50
CA GLY A 323 -22.18 -3.56 -28.07
C GLY A 323 -22.36 -2.11 -27.67
N ALA A 324 -21.60 -1.23 -28.32
CA ALA A 324 -21.71 0.20 -28.09
C ALA A 324 -23.06 0.71 -28.55
N ILE A 325 -23.55 0.17 -29.66
CA ILE A 325 -24.84 0.62 -30.16
C ILE A 325 -25.98 0.15 -29.24
N VAL A 326 -25.86 -1.06 -28.72
CA VAL A 326 -26.81 -1.56 -27.74
C VAL A 326 -26.80 -0.64 -26.50
N ALA A 327 -25.62 -0.24 -26.06
CA ALA A 327 -25.52 0.69 -24.94
C ALA A 327 -26.25 1.99 -25.27
N HIS A 328 -26.03 2.50 -26.49
CA HIS A 328 -26.71 3.71 -26.95
C HIS A 328 -28.25 3.56 -26.92
N ALA A 329 -28.73 2.40 -27.34
CA ALA A 329 -30.17 2.12 -27.35
C ALA A 329 -30.76 2.10 -25.95
N GLY A 330 -29.93 1.76 -24.97
CA GLY A 330 -30.37 1.67 -23.58
C GLY A 330 -30.66 3.03 -22.97
N LEU A 331 -30.34 4.09 -23.70
CA LEU A 331 -30.67 5.44 -23.26
C LEU A 331 -32.18 5.68 -23.35
N GLU A 336 -34.93 -3.58 -25.64
CA GLU A 336 -35.09 -5.01 -25.93
C GLU A 336 -33.74 -5.64 -26.29
N TRP A 337 -33.22 -6.49 -25.40
CA TRP A 337 -31.84 -6.98 -25.48
C TRP A 337 -31.49 -7.66 -26.80
N LEU A 338 -32.24 -8.71 -27.14
CA LEU A 338 -31.98 -9.47 -28.36
C LEU A 338 -32.14 -8.62 -29.62
N PRO A 339 -33.30 -7.98 -29.80
CA PRO A 339 -33.48 -7.11 -30.97
C PRO A 339 -32.43 -6.00 -31.04
N ALA A 340 -31.96 -5.53 -29.90
CA ALA A 340 -30.99 -4.44 -29.89
C ALA A 340 -29.65 -4.95 -30.40
N TRP A 341 -29.30 -6.18 -30.04
CA TRP A 341 -28.04 -6.75 -30.50
C TRP A 341 -28.12 -7.00 -31.99
N GLU A 342 -29.27 -7.46 -32.46
CA GLU A 342 -29.41 -7.79 -33.86
C GLU A 342 -29.28 -6.53 -34.69
N GLU A 343 -29.99 -5.51 -34.27
CA GLU A 343 -29.91 -4.19 -34.91
C GLU A 343 -28.46 -3.65 -34.89
N GLY A 344 -27.78 -3.81 -33.76
CA GLY A 344 -26.40 -3.36 -33.61
C GLY A 344 -25.43 -4.06 -34.55
N LEU A 345 -25.58 -5.38 -34.68
CA LEU A 345 -24.73 -6.13 -35.59
C LEU A 345 -25.04 -5.73 -37.03
N ARG A 346 -26.31 -5.51 -37.34
CA ARG A 346 -26.71 -5.11 -38.70
C ARG A 346 -26.08 -3.77 -39.05
N ARG A 347 -26.26 -2.81 -38.15
CA ARG A 347 -25.76 -1.45 -38.36
C ARG A 347 -24.26 -1.41 -38.43
N ALA A 348 -23.58 -2.17 -37.56
CA ALA A 348 -22.11 -2.16 -37.54
C ALA A 348 -21.55 -2.76 -38.83
N SER A 349 -22.15 -3.85 -39.27
CA SER A 349 -21.74 -4.48 -40.51
C SER A 349 -21.96 -3.56 -41.73
N ALA A 350 -23.13 -2.93 -41.82
CA ALA A 350 -23.40 -2.05 -42.95
C ALA A 350 -22.48 -0.82 -42.96
N ALA A 351 -22.13 -0.33 -41.76
CA ALA A 351 -21.24 0.82 -41.65
C ALA A 351 -19.91 0.50 -42.29
N ILE A 352 -19.46 -0.74 -42.17
CA ILE A 352 -18.22 -1.16 -42.84
C ILE A 352 -18.46 -1.45 -44.32
N ASP A 353 -19.46 -2.27 -44.62
CA ASP A 353 -19.68 -2.75 -45.99
C ASP A 353 -19.98 -1.63 -47.00
N THR A 354 -20.69 -0.58 -46.56
CA THR A 354 -21.03 0.53 -47.45
C THR A 354 -19.86 1.46 -47.69
N GLY A 355 -18.80 1.27 -46.90
CA GLY A 355 -17.64 2.13 -46.96
C GLY A 355 -17.73 3.33 -46.05
N ALA A 356 -18.86 3.48 -45.34
CA ALA A 356 -19.07 4.65 -44.48
C ALA A 356 -17.96 4.80 -43.41
N ALA A 357 -17.44 3.69 -42.89
CA ALA A 357 -16.47 3.74 -41.79
C ALA A 357 -15.08 4.10 -42.32
N GLU A 358 -14.71 3.49 -43.45
CA GLU A 358 -13.50 3.86 -44.15
C GLU A 358 -13.52 5.34 -44.53
N GLN A 359 -14.65 5.82 -45.04
CA GLN A 359 -14.78 7.22 -45.42
C GLN A 359 -14.70 8.16 -44.23
N LEU A 360 -15.27 7.74 -43.10
CA LEU A 360 -15.27 8.56 -41.91
C LEU A 360 -13.85 8.76 -41.36
N LEU A 361 -13.05 7.70 -41.33
CA LEU A 361 -11.65 7.81 -40.91
C LEU A 361 -10.89 8.79 -41.80
N ALA A 362 -11.11 8.69 -43.11
CA ALA A 362 -10.47 9.61 -44.06
C ALA A 362 -10.91 11.06 -43.81
N ARG A 363 -12.20 11.27 -43.53
CA ARG A 363 -12.69 12.61 -43.24
C ARG A 363 -12.14 13.11 -41.91
N TRP A 364 -11.93 12.19 -40.98
CA TRP A 364 -11.46 12.53 -39.65
C TRP A 364 -10.02 13.02 -39.74
N VAL A 365 -9.20 12.26 -40.49
CA VAL A 365 -7.84 12.65 -40.81
C VAL A 365 -7.81 14.01 -41.49
N ARG A 366 -8.68 14.20 -42.48
CA ARG A 366 -8.70 15.45 -43.24
C ARG A 366 -9.08 16.62 -42.34
N PHE A 367 -9.97 16.38 -41.39
CA PHE A 367 -10.44 17.42 -40.47
C PHE A 367 -9.28 18.04 -39.69
N GLY A 368 -8.39 17.18 -39.20
CA GLY A 368 -7.26 17.62 -38.40
C GLY A 368 -6.22 18.38 -39.20
N ARG A 369 -6.06 17.99 -40.47
CA ARG A 369 -5.07 18.61 -41.33
C ARG A 369 -5.48 20.02 -41.75
N GLN A 370 -6.72 20.41 -41.45
CA GLN A 370 -7.24 21.73 -41.82
C GLN A 370 -7.16 22.72 -40.66
N PRO B 26 13.56 -11.36 -9.63
CA PRO B 26 12.56 -10.67 -8.84
C PRO B 26 12.33 -9.22 -9.29
N SER B 27 11.17 -8.67 -8.97
CA SER B 27 10.82 -7.31 -9.35
C SER B 27 9.69 -6.77 -8.49
N TRP B 28 9.52 -5.45 -8.50
CA TRP B 28 8.47 -4.82 -7.71
C TRP B 28 7.07 -5.20 -8.19
N PRO B 29 6.81 -5.16 -9.51
CA PRO B 29 5.47 -5.55 -9.98
C PRO B 29 5.14 -6.99 -9.59
N GLN B 30 6.13 -7.87 -9.65
CA GLN B 30 5.95 -9.26 -9.24
C GLN B 30 5.66 -9.39 -7.74
N ILE B 31 6.53 -8.84 -6.91
CA ILE B 31 6.36 -8.94 -5.47
C ILE B 31 5.11 -8.20 -4.99
N LEU B 32 4.91 -6.96 -5.42
CA LEU B 32 3.73 -6.18 -5.03
C LEU B 32 2.43 -6.80 -5.55
N GLY B 33 2.48 -7.34 -6.77
CA GLY B 33 1.34 -8.04 -7.33
C GLY B 33 0.95 -9.24 -6.49
N ARG B 34 1.95 -9.96 -6.00
CA ARG B 34 1.70 -11.12 -5.19
C ARG B 34 1.02 -10.70 -3.88
N LEU B 35 1.52 -9.63 -3.27
CA LEU B 35 0.95 -9.14 -2.02
C LEU B 35 -0.49 -8.64 -2.22
N THR B 36 -0.73 -7.83 -3.26
CA THR B 36 -2.09 -7.33 -3.50
C THR B 36 -3.05 -8.46 -3.87
N ASP B 37 -2.53 -9.59 -4.32
CA ASP B 37 -3.35 -10.78 -4.57
CA ASP B 37 -3.35 -10.77 -4.56
C ASP B 37 -3.58 -11.53 -3.25
N ASN B 38 -3.12 -10.92 -2.15
CA ASN B 38 -3.26 -11.45 -0.80
C ASN B 38 -2.58 -12.81 -0.61
N ARG B 39 -1.46 -12.99 -1.30
CA ARG B 39 -0.66 -14.21 -1.18
C ARG B 39 0.63 -13.96 -0.42
N ASP B 40 1.07 -14.95 0.35
CA ASP B 40 2.38 -14.91 0.97
C ASP B 40 3.48 -14.88 -0.08
N LEU B 41 4.59 -14.22 0.25
CA LEU B 41 5.70 -14.13 -0.68
C LEU B 41 6.46 -15.45 -0.77
N ALA B 42 7.20 -15.63 -1.86
CA ALA B 42 8.09 -16.76 -1.99
C ALA B 42 9.33 -16.51 -1.13
N ARG B 43 10.00 -17.58 -0.74
CA ARG B 43 11.22 -17.48 0.02
C ARG B 43 12.24 -16.57 -0.71
N GLY B 44 12.76 -15.58 0.00
CA GLY B 44 13.73 -14.67 -0.57
C GLY B 44 13.16 -13.37 -1.14
N GLN B 45 11.86 -13.32 -1.38
CA GLN B 45 11.30 -12.11 -1.96
C GLN B 45 11.25 -10.91 -0.97
N ALA B 46 10.92 -11.16 0.29
CA ALA B 46 10.96 -10.07 1.25
C ALA B 46 12.40 -9.55 1.41
N ALA B 47 13.37 -10.47 1.36
CA ALA B 47 14.78 -10.12 1.51
C ALA B 47 15.29 -9.28 0.34
N TRP B 48 14.88 -9.65 -0.87
CA TRP B 48 15.24 -8.89 -2.07
C TRP B 48 14.70 -7.47 -1.99
N ALA B 49 13.43 -7.36 -1.64
CA ALA B 49 12.76 -6.08 -1.46
C ALA B 49 13.46 -5.21 -0.42
N MET B 50 13.72 -5.77 0.75
CA MET B 50 14.35 -4.98 1.81
C MET B 50 15.76 -4.62 1.37
N ASP B 51 16.41 -5.51 0.62
CA ASP B 51 17.76 -5.20 0.19
C ASP B 51 17.76 -4.07 -0.86
N GLN B 52 16.76 -4.04 -1.74
CA GLN B 52 16.61 -2.91 -2.67
C GLN B 52 16.43 -1.61 -1.90
N ILE B 53 15.61 -1.67 -0.86
CA ILE B 53 15.31 -0.49 -0.05
C ILE B 53 16.54 0.02 0.67
N MET B 54 17.34 -0.88 1.24
CA MET B 54 18.48 -0.49 2.07
C MET B 54 19.66 0.01 1.25
N THR B 55 19.72 -0.41 -0.01
CA THR B 55 20.82 -0.01 -0.90
C THR B 55 20.45 1.19 -1.78
N GLY B 56 19.36 1.87 -1.45
CA GLY B 56 18.96 3.08 -2.16
C GLY B 56 18.47 2.84 -3.58
N ASN B 57 18.08 1.60 -3.88
CA ASN B 57 17.60 1.27 -5.21
C ASN B 57 16.09 1.26 -5.35
N ALA B 58 15.39 1.60 -4.28
CA ALA B 58 13.93 1.64 -4.30
C ALA B 58 13.40 3.09 -4.25
N ARG B 59 12.50 3.40 -5.17
CA ARG B 59 11.81 4.69 -5.16
C ARG B 59 10.86 4.77 -3.96
N PRO B 60 10.67 5.99 -3.43
CA PRO B 60 9.73 6.19 -2.32
C PRO B 60 8.38 5.51 -2.54
N ALA B 61 7.84 5.61 -3.76
CA ALA B 61 6.56 5.01 -4.09
C ALA B 61 6.60 3.50 -3.90
N GLN B 62 7.71 2.90 -4.30
CA GLN B 62 7.87 1.45 -4.19
C GLN B 62 8.01 1.05 -2.72
N ILE B 63 8.83 1.80 -1.97
CA ILE B 63 8.98 1.54 -0.54
C ILE B 63 7.61 1.54 0.15
N ALA B 64 6.82 2.56 -0.16
CA ALA B 64 5.54 2.78 0.49
C ALA B 64 4.57 1.68 0.10
N ALA B 65 4.57 1.35 -1.18
CA ALA B 65 3.67 0.34 -1.68
C ALA B 65 3.97 -1.00 -1.00
N PHE B 66 5.26 -1.26 -0.80
CA PHE B 66 5.70 -2.50 -0.14
C PHE B 66 5.27 -2.52 1.33
N ALA B 67 5.56 -1.44 2.03
CA ALA B 67 5.20 -1.34 3.43
C ALA B 67 3.69 -1.53 3.62
N VAL B 68 2.88 -0.85 2.82
CA VAL B 68 1.44 -0.95 2.97
C VAL B 68 0.94 -2.35 2.57
N ALA B 69 1.44 -2.87 1.46
CA ALA B 69 0.95 -4.15 0.95
C ALA B 69 1.30 -5.30 1.91
N MET B 70 2.51 -5.24 2.46
CA MET B 70 2.98 -6.26 3.40
C MET B 70 2.13 -6.23 4.67
N THR B 71 1.78 -5.03 5.10
CA THR B 71 0.93 -4.84 6.28
C THR B 71 -0.49 -5.40 6.11
N MET B 72 -1.11 -5.16 4.95
CA MET B 72 -2.50 -5.53 4.80
C MET B 72 -2.68 -7.00 4.42
N LYS B 73 -1.67 -7.61 3.80
CA LYS B 73 -1.67 -9.07 3.59
C LYS B 73 -1.62 -9.84 4.92
N ALA B 74 -0.99 -9.24 5.92
CA ALA B 74 -0.66 -9.87 7.21
C ALA B 74 0.66 -10.58 7.05
N PRO B 75 1.74 -9.94 7.51
CA PRO B 75 3.07 -10.53 7.31
C PRO B 75 3.24 -11.77 8.13
N THR B 76 4.02 -12.71 7.63
CA THR B 76 4.38 -13.92 8.36
C THR B 76 5.70 -13.71 9.08
N ALA B 77 6.00 -14.60 10.02
CA ALA B 77 7.28 -14.57 10.72
C ALA B 77 8.45 -14.75 9.74
N ASP B 78 8.26 -15.59 8.71
CA ASP B 78 9.29 -15.81 7.71
C ASP B 78 9.63 -14.48 7.03
N GLU B 79 8.58 -13.78 6.63
CA GLU B 79 8.74 -12.56 5.86
C GLU B 79 9.41 -11.47 6.70
N VAL B 80 8.96 -11.30 7.94
CA VAL B 80 9.52 -10.27 8.83
C VAL B 80 10.95 -10.62 9.25
N GLY B 81 11.20 -11.92 9.43
CA GLY B 81 12.54 -12.39 9.71
C GLY B 81 13.49 -12.10 8.55
N GLU B 82 13.00 -12.19 7.32
CA GLU B 82 13.82 -11.83 6.19
C GLU B 82 14.13 -10.33 6.17
N LEU B 83 13.16 -9.51 6.54
CA LEU B 83 13.35 -8.06 6.53
C LEU B 83 14.43 -7.70 7.54
N ALA B 84 14.30 -8.29 8.73
CA ALA B 84 15.21 -8.01 9.82
C ALA B 84 16.61 -8.52 9.51
N GLY B 85 16.68 -9.66 8.82
CA GLY B 85 17.93 -10.28 8.48
C GLY B 85 18.73 -9.42 7.53
N VAL B 86 18.05 -8.80 6.57
CA VAL B 86 18.72 -7.90 5.63
C VAL B 86 19.26 -6.70 6.39
N MET B 87 18.44 -6.13 7.27
CA MET B 87 18.87 -4.98 8.06
C MET B 87 20.13 -5.33 8.87
N LEU B 88 20.11 -6.48 9.53
CA LEU B 88 21.26 -6.91 10.31
C LEU B 88 22.48 -7.26 9.44
N SER B 89 22.25 -7.73 8.21
CA SER B 89 23.37 -8.02 7.31
C SER B 89 24.04 -6.72 6.84
N HIS B 90 23.31 -5.61 6.89
CA HIS B 90 23.85 -4.31 6.48
C HIS B 90 24.30 -3.45 7.66
N ALA B 91 24.02 -3.88 8.89
CA ALA B 91 24.29 -3.07 10.08
C ALA B 91 25.77 -3.05 10.48
N HIS B 92 26.19 -1.99 11.16
CA HIS B 92 27.49 -1.97 11.83
C HIS B 92 27.44 -2.95 12.98
N PRO B 93 28.34 -3.94 12.99
CA PRO B 93 28.37 -4.87 14.13
C PRO B 93 29.23 -4.36 15.29
N LEU B 94 29.12 -5.01 16.44
CA LEU B 94 30.06 -4.74 17.52
C LEU B 94 31.28 -5.64 17.29
N PRO B 95 32.46 -5.21 17.76
CA PRO B 95 33.69 -6.01 17.60
C PRO B 95 33.53 -7.42 18.14
N ALA B 96 34.27 -8.38 17.57
CA ALA B 96 34.10 -9.79 17.95
C ALA B 96 34.50 -10.04 19.41
N ASP B 97 33.72 -10.88 20.08
CA ASP B 97 33.99 -11.25 21.47
C ASP B 97 33.94 -10.06 22.43
N THR B 98 32.94 -9.19 22.27
CA THR B 98 32.75 -8.04 23.17
C THR B 98 31.31 -7.96 23.69
N VAL B 99 30.46 -8.84 23.18
CA VAL B 99 29.07 -8.91 23.63
C VAL B 99 28.89 -10.23 24.40
N PRO B 100 28.65 -10.15 25.72
CA PRO B 100 28.42 -11.38 26.51
C PRO B 100 27.34 -12.25 25.90
N ASP B 101 27.53 -13.58 25.91
CA ASP B 101 26.58 -14.49 25.29
C ASP B 101 25.19 -14.42 25.91
N ASP B 102 25.10 -13.86 27.12
CA ASP B 102 23.83 -13.80 27.84
C ASP B 102 23.29 -12.36 27.93
N ALA B 103 23.76 -11.48 27.04
CA ALA B 103 23.27 -10.11 27.06
C ALA B 103 21.79 -10.04 26.71
N VAL B 104 21.11 -9.04 27.27
CA VAL B 104 19.68 -8.87 27.07
C VAL B 104 19.35 -7.48 26.55
N ASP B 105 18.19 -7.37 25.91
CA ASP B 105 17.66 -6.12 25.38
C ASP B 105 16.36 -5.84 26.13
N VAL B 106 16.00 -4.57 26.23
CA VAL B 106 14.72 -4.16 26.78
C VAL B 106 14.23 -3.02 25.91
N VAL B 107 13.26 -3.32 25.05
CA VAL B 107 12.86 -2.38 24.00
C VAL B 107 11.51 -2.76 23.41
N GLY B 108 10.82 -1.80 22.83
CA GLY B 108 9.52 -2.02 22.23
C GLY B 108 9.35 -1.30 20.91
N THR B 109 8.19 -1.52 20.28
CA THR B 109 7.87 -0.93 18.99
C THR B 109 7.55 0.54 19.08
N GLY B 110 7.02 0.96 20.23
CA GLY B 110 6.47 2.30 20.34
C GLY B 110 5.11 2.29 19.66
N GLY B 111 4.65 3.46 19.24
CA GLY B 111 3.40 3.58 18.52
C GLY B 111 2.19 3.13 19.31
N ASP B 112 2.28 3.26 20.64
CA ASP B 112 1.16 2.93 21.52
C ASP B 112 0.29 4.15 21.79
N GLY B 113 0.82 5.33 21.45
CA GLY B 113 0.08 6.57 21.56
C GLY B 113 -0.42 6.88 22.96
N VAL B 114 0.49 6.91 23.93
CA VAL B 114 0.14 7.20 25.32
C VAL B 114 1.11 8.23 25.93
N ASN B 115 2.31 8.33 25.38
CA ASN B 115 3.30 9.28 25.86
C ASN B 115 3.59 9.07 27.35
N THR B 116 3.91 7.83 27.71
CA THR B 116 4.22 7.48 29.10
C THR B 116 5.65 7.87 29.44
N VAL B 117 6.03 7.62 30.68
CA VAL B 117 7.44 7.70 31.07
C VAL B 117 8.18 6.55 30.40
N ASN B 118 9.49 6.68 30.27
CA ASN B 118 10.29 5.72 29.52
C ASN B 118 10.57 4.43 30.30
N LEU B 119 9.59 3.54 30.34
CA LEU B 119 9.67 2.36 31.16
C LEU B 119 10.80 1.40 30.75
N SER B 120 11.02 1.23 29.45
CA SER B 120 12.02 0.27 29.00
C SER B 120 13.41 0.76 29.39
N THR B 121 13.60 2.07 29.32
CA THR B 121 14.92 2.64 29.56
C THR B 121 15.28 2.55 31.05
N MET B 122 14.31 2.87 31.90
CA MET B 122 14.46 2.75 33.35
C MET B 122 14.64 1.30 33.74
N ALA B 123 13.81 0.42 33.18
CA ALA B 123 13.97 -1.00 33.40
C ALA B 123 15.36 -1.49 33.00
N ALA B 124 15.88 -0.97 31.88
CA ALA B 124 17.18 -1.39 31.38
C ALA B 124 18.28 -1.05 32.37
N ILE B 125 18.16 0.09 33.01
CA ILE B 125 19.18 0.51 33.97
C ILE B 125 19.16 -0.43 35.17
N VAL B 126 17.96 -0.71 35.67
CA VAL B 126 17.80 -1.59 36.82
C VAL B 126 18.36 -2.99 36.54
N VAL B 127 17.99 -3.54 35.39
CA VAL B 127 18.46 -4.85 34.98
C VAL B 127 19.99 -4.93 34.96
N ALA B 128 20.63 -3.92 34.38
CA ALA B 128 22.09 -3.87 34.33
C ALA B 128 22.65 -3.81 35.76
N ALA B 129 22.02 -3.01 36.58
CA ALA B 129 22.45 -2.83 37.96
C ALA B 129 22.34 -4.14 38.74
N ALA B 130 21.46 -5.01 38.28
CA ALA B 130 21.31 -6.32 38.90
C ALA B 130 22.36 -7.33 38.41
N GLY B 131 23.19 -6.93 37.47
CA GLY B 131 24.30 -7.75 37.03
C GLY B 131 24.03 -8.50 35.73
N VAL B 132 22.88 -8.26 35.12
CA VAL B 132 22.56 -8.81 33.83
C VAL B 132 23.05 -7.85 32.74
N PRO B 133 24.01 -8.30 31.90
CA PRO B 133 24.49 -7.40 30.83
C PRO B 133 23.36 -6.96 29.91
N VAL B 134 23.28 -5.65 29.67
CA VAL B 134 22.24 -5.08 28.81
C VAL B 134 22.83 -4.31 27.65
N VAL B 135 22.57 -4.77 26.43
CA VAL B 135 22.87 -3.95 25.26
C VAL B 135 21.52 -3.54 24.70
N LYS B 136 21.25 -2.24 24.83
CA LYS B 136 19.95 -1.73 24.51
C LYS B 136 19.95 -1.15 23.13
N HIS B 137 18.98 -1.63 22.34
CA HIS B 137 18.62 -1.00 21.09
C HIS B 137 17.63 0.07 21.42
N GLY B 138 17.85 1.25 20.85
CA GLY B 138 17.00 2.38 21.15
C GLY B 138 17.01 3.44 20.08
N ASN B 139 16.13 4.42 20.25
CA ASN B 139 15.95 5.46 19.25
C ASN B 139 15.14 6.61 19.81
N ARG B 140 15.17 7.73 19.09
CA ARG B 140 14.35 8.89 19.44
C ARG B 140 12.86 8.56 19.28
N ALA B 141 11.99 9.50 19.66
CA ALA B 141 10.56 9.25 19.66
C ALA B 141 9.93 9.46 18.28
N ALA B 142 8.83 8.75 18.06
CA ALA B 142 8.03 8.92 16.84
C ALA B 142 6.88 9.89 17.12
N SER B 143 6.06 9.55 18.11
CA SER B 143 4.90 10.36 18.49
C SER B 143 4.97 10.79 19.96
N SER B 144 5.62 9.99 20.79
CA SER B 144 5.78 10.29 22.22
C SER B 144 6.45 11.65 22.42
N LEU B 145 6.22 12.24 23.60
CA LEU B 145 6.75 13.58 23.88
C LEU B 145 8.26 13.55 24.02
N SER B 146 8.80 12.47 24.59
CA SER B 146 10.24 12.36 24.80
C SER B 146 10.85 11.22 24.00
N GLY B 147 10.76 9.98 24.51
CA GLY B 147 11.42 8.86 23.87
C GLY B 147 12.68 8.37 24.59
N GLY B 148 12.97 7.09 24.45
CA GLY B 148 14.08 6.47 25.15
C GLY B 148 15.42 7.16 24.93
N ALA B 149 15.83 7.27 23.68
CA ALA B 149 17.12 7.87 23.34
C ALA B 149 17.18 9.34 23.78
N ASP B 150 16.05 10.03 23.72
CA ASP B 150 16.03 11.45 24.07
C ASP B 150 16.17 11.64 25.58
N THR B 151 15.50 10.79 26.34
CA THR B 151 15.58 10.86 27.79
C THR B 151 17.00 10.56 28.27
N LEU B 152 17.66 9.59 27.65
CA LEU B 152 19.05 9.27 27.99
C LEU B 152 19.94 10.48 27.77
N GLU B 153 19.72 11.19 26.67
CA GLU B 153 20.49 12.41 26.40
C GLU B 153 20.26 13.42 27.51
N ALA B 154 19.00 13.63 27.85
CA ALA B 154 18.65 14.56 28.90
C ALA B 154 19.34 14.21 30.23
N LEU B 155 19.65 12.93 30.44
CA LEU B 155 20.28 12.47 31.67
C LEU B 155 21.79 12.59 31.62
N GLY B 156 22.31 13.00 30.49
CA GLY B 156 23.74 13.19 30.33
C GLY B 156 24.43 11.98 29.72
N VAL B 157 23.66 10.96 29.39
CA VAL B 157 24.21 9.78 28.75
C VAL B 157 24.49 10.03 27.28
N ARG B 158 25.67 9.61 26.82
CA ARG B 158 26.06 9.74 25.43
C ARG B 158 25.45 8.62 24.61
N ILE B 159 24.49 8.96 23.77
CA ILE B 159 23.78 7.95 22.98
C ILE B 159 24.44 7.67 21.62
N ASP B 160 25.18 8.63 21.09
CA ASP B 160 25.73 8.50 19.73
C ASP B 160 27.15 7.96 19.72
N LEU B 161 27.32 6.75 20.23
CA LEU B 161 28.64 6.12 20.28
C LEU B 161 28.77 5.04 19.22
N GLY B 162 29.95 4.97 18.60
CA GLY B 162 30.23 3.94 17.61
C GLY B 162 30.36 2.57 18.23
N PRO B 163 30.53 1.55 17.40
CA PRO B 163 30.61 0.16 17.87
C PRO B 163 31.64 -0.06 18.97
N ASP B 164 32.86 0.45 18.77
CA ASP B 164 33.97 0.23 19.68
C ASP B 164 33.64 0.74 21.09
N LEU B 165 33.02 1.91 21.16
CA LEU B 165 32.76 2.54 22.44
C LEU B 165 31.55 1.94 23.16
N VAL B 166 30.58 1.45 22.39
CA VAL B 166 29.45 0.76 22.98
C VAL B 166 29.97 -0.50 23.64
N ALA B 167 30.94 -1.16 23.01
CA ALA B 167 31.53 -2.37 23.56
C ALA B 167 32.22 -2.06 24.89
N ARG B 168 32.94 -0.94 24.94
CA ARG B 168 33.67 -0.55 26.14
C ARG B 168 32.68 -0.19 27.24
N SER B 169 31.66 0.55 26.86
CA SER B 169 30.61 0.94 27.79
C SER B 169 30.04 -0.29 28.45
N LEU B 170 29.76 -1.30 27.63
CA LEU B 170 29.19 -2.55 28.11
C LEU B 170 30.10 -3.23 29.10
N ALA B 171 31.39 -3.26 28.82
CA ALA B 171 32.32 -3.96 29.68
C ALA B 171 32.55 -3.17 30.98
N GLU B 172 32.67 -1.84 30.86
CA GLU B 172 33.05 -0.99 31.98
C GLU B 172 31.88 -0.57 32.87
N VAL B 173 30.72 -0.35 32.26
CA VAL B 173 29.55 0.14 32.99
C VAL B 173 28.53 -0.98 33.24
N GLY B 174 28.46 -1.93 32.31
CA GLY B 174 27.52 -3.02 32.40
C GLY B 174 26.32 -2.83 31.50
N ILE B 175 26.31 -1.71 30.79
CA ILE B 175 25.23 -1.39 29.87
C ILE B 175 25.79 -0.66 28.66
N GLY B 176 25.20 -0.92 27.50
CA GLY B 176 25.57 -0.24 26.29
C GLY B 176 24.31 0.17 25.55
N PHE B 177 24.37 1.33 24.89
CA PHE B 177 23.26 1.81 24.10
C PHE B 177 23.65 1.94 22.64
N CYS B 178 22.96 1.17 21.81
CA CYS B 178 23.13 1.25 20.37
C CYS B 178 22.06 2.16 19.81
N PHE B 179 22.48 3.30 19.31
N PHE B 179 22.50 3.30 19.30
CA PHE B 179 21.56 4.26 18.70
CA PHE B 179 21.61 4.27 18.68
C PHE B 179 21.24 3.81 17.29
C PHE B 179 21.25 3.80 17.27
N ALA B 180 19.99 3.40 17.08
CA ALA B 180 19.57 2.76 15.82
C ALA B 180 20.04 3.47 14.55
N PRO B 181 19.89 4.81 14.48
CA PRO B 181 20.42 5.53 13.31
C PRO B 181 21.92 5.41 13.15
N ARG B 182 22.65 5.29 14.25
CA ARG B 182 24.11 5.19 14.18
C ARG B 182 24.57 3.83 13.62
N PHE B 183 23.80 2.78 13.88
CA PHE B 183 24.23 1.43 13.49
C PHE B 183 23.55 0.94 12.21
N HIS B 184 22.43 1.57 11.86
CA HIS B 184 21.63 1.21 10.69
C HIS B 184 21.49 2.38 9.70
N PRO B 185 22.62 2.96 9.29
CA PRO B 185 22.57 4.15 8.42
C PRO B 185 21.75 3.90 7.14
N SER B 186 21.87 2.70 6.57
CA SER B 186 21.23 2.39 5.30
C SER B 186 19.71 2.29 5.38
N TYR B 187 19.15 2.40 6.57
CA TYR B 187 17.70 2.34 6.76
C TYR B 187 17.03 3.71 6.52
N ARG B 188 17.84 4.72 6.25
CA ARG B 188 17.35 6.09 6.10
C ARG B 188 16.20 6.26 5.11
N HIS B 189 16.24 5.55 3.99
CA HIS B 189 15.19 5.73 2.98
C HIS B 189 13.87 5.23 3.51
N ALA B 190 13.87 4.06 4.14
CA ALA B 190 12.66 3.52 4.71
C ALA B 190 12.06 4.43 5.80
N ALA B 191 12.93 5.02 6.63
CA ALA B 191 12.47 5.84 7.75
C ALA B 191 11.73 7.08 7.26
N ALA B 192 12.22 7.66 6.17
CA ALA B 192 11.58 8.81 5.55
C ALA B 192 10.15 8.50 5.09
N VAL B 193 9.99 7.42 4.34
CA VAL B 193 8.67 7.03 3.86
C VAL B 193 7.77 6.72 5.03
N ARG B 194 8.34 6.11 6.07
CA ARG B 194 7.55 5.84 7.27
C ARG B 194 6.94 7.15 7.75
N ARG B 195 7.75 8.21 7.78
CA ARG B 195 7.27 9.52 8.24
C ARG B 195 6.16 10.08 7.35
N GLU B 196 6.37 10.03 6.04
CA GLU B 196 5.44 10.61 5.09
C GLU B 196 4.05 9.98 5.15
N ILE B 197 3.96 8.67 5.31
CA ILE B 197 2.67 7.99 5.24
C ILE B 197 1.99 7.96 6.61
N GLY B 198 2.79 7.97 7.67
CA GLY B 198 2.27 8.13 9.02
C GLY B 198 1.73 6.89 9.68
N VAL B 199 0.94 6.13 8.94
CA VAL B 199 0.34 4.92 9.46
C VAL B 199 1.38 3.89 9.89
N PRO B 200 1.12 3.16 10.98
CA PRO B 200 2.01 2.05 11.31
C PRO B 200 1.99 0.97 10.23
N THR B 201 3.17 0.43 9.93
CA THR B 201 3.29 -0.68 8.99
C THR B 201 4.16 -1.79 9.58
N VAL B 202 4.37 -2.84 8.78
CA VAL B 202 5.26 -3.93 9.16
C VAL B 202 6.62 -3.39 9.62
N PHE B 203 7.04 -2.24 9.07
CA PHE B 203 8.32 -1.65 9.43
C PHE B 203 8.38 -1.29 10.92
N ASN B 204 7.23 -0.99 11.53
CA ASN B 204 7.18 -0.67 12.96
C ASN B 204 7.57 -1.83 13.87
N LEU B 205 7.64 -3.03 13.29
CA LEU B 205 8.09 -4.20 14.05
C LEU B 205 9.61 -4.37 14.08
N LEU B 206 10.32 -3.70 13.19
CA LEU B 206 11.73 -4.06 12.93
C LEU B 206 12.73 -3.56 13.98
N GLY B 207 12.45 -2.43 14.63
CA GLY B 207 13.33 -1.91 15.66
C GLY B 207 13.77 -2.95 16.67
N PRO B 208 12.80 -3.54 17.39
CA PRO B 208 13.17 -4.51 18.42
C PRO B 208 13.84 -5.74 17.83
N LEU B 209 13.64 -5.97 16.54
CA LEU B 209 14.14 -7.18 15.90
C LEU B 209 15.55 -7.02 15.32
N THR B 210 16.10 -5.81 15.38
CA THR B 210 17.35 -5.54 14.66
C THR B 210 18.43 -4.89 15.53
N ASN B 211 18.46 -5.28 16.80
CA ASN B 211 19.52 -4.87 17.68
C ASN B 211 20.85 -5.32 17.05
N PRO B 212 21.74 -4.36 16.79
CA PRO B 212 22.94 -4.71 16.01
C PRO B 212 23.93 -5.56 16.80
N ALA B 213 23.82 -5.56 18.12
CA ALA B 213 24.65 -6.42 18.97
C ALA B 213 24.16 -7.86 19.01
N ARG B 214 22.96 -8.09 18.48
CA ARG B 214 22.36 -9.42 18.42
C ARG B 214 22.32 -10.18 19.76
N PRO B 215 21.78 -9.55 20.79
CA PRO B 215 21.57 -10.25 22.05
C PRO B 215 20.61 -11.41 21.87
N ARG B 216 20.78 -12.46 22.66
CA ARG B 216 19.96 -13.66 22.53
CA ARG B 216 19.96 -13.67 22.54
C ARG B 216 18.75 -13.63 23.47
N ALA B 217 18.65 -12.59 24.29
CA ALA B 217 17.51 -12.49 25.19
C ALA B 217 16.91 -11.09 25.21
N GLY B 218 15.65 -11.00 25.61
CA GLY B 218 15.01 -9.70 25.68
C GLY B 218 13.61 -9.65 26.24
N LEU B 219 13.30 -8.50 26.82
CA LEU B 219 11.93 -8.10 27.06
C LEU B 219 11.52 -7.18 25.94
N ILE B 220 10.61 -7.65 25.12
CA ILE B 220 10.24 -6.97 23.88
C ILE B 220 8.80 -6.51 23.89
N GLY B 221 8.61 -5.20 23.82
CA GLY B 221 7.29 -4.61 23.82
C GLY B 221 6.72 -4.50 22.43
N CYS B 222 5.42 -4.80 22.30
CA CYS B 222 4.73 -4.66 21.01
C CYS B 222 3.35 -4.04 21.19
N ALA B 223 3.12 -2.91 20.52
CA ALA B 223 1.89 -2.16 20.69
C ALA B 223 0.76 -2.74 19.82
N PHE B 224 1.13 -3.57 18.85
CA PHE B 224 0.17 -4.14 17.90
C PHE B 224 -0.11 -5.58 18.28
N ALA B 225 -1.28 -5.79 18.89
CA ALA B 225 -1.63 -7.09 19.47
C ALA B 225 -1.64 -8.21 18.43
N ASP B 226 -2.07 -7.88 17.22
CA ASP B 226 -2.22 -8.91 16.19
C ASP B 226 -0.86 -9.28 15.58
N LEU B 227 0.15 -8.45 15.82
CA LEU B 227 1.46 -8.66 15.23
C LEU B 227 2.51 -9.16 16.23
N ALA B 228 2.13 -9.24 17.49
CA ALA B 228 3.06 -9.66 18.53
C ALA B 228 3.50 -11.08 18.32
N GLU B 229 2.54 -11.91 17.93
CA GLU B 229 2.83 -13.30 17.68
C GLU B 229 3.85 -13.41 16.56
N VAL B 230 3.78 -12.50 15.59
CA VAL B 230 4.71 -12.54 14.45
C VAL B 230 6.12 -12.23 14.93
N MET B 231 6.23 -11.22 15.78
CA MET B 231 7.53 -10.87 16.35
C MET B 231 8.07 -12.06 17.12
N ALA B 232 7.20 -12.68 17.92
CA ALA B 232 7.63 -13.80 18.74
C ALA B 232 8.22 -14.91 17.87
N GLY B 233 7.60 -15.16 16.71
CA GLY B 233 8.06 -16.21 15.81
C GLY B 233 9.43 -15.93 15.21
N VAL B 234 9.72 -14.66 14.97
CA VAL B 234 11.04 -14.25 14.49
C VAL B 234 12.11 -14.55 15.54
N PHE B 235 11.83 -14.25 16.82
CA PHE B 235 12.78 -14.54 17.89
C PHE B 235 12.92 -16.06 18.03
N ALA B 236 11.81 -16.77 17.90
CA ALA B 236 11.84 -18.22 18.02
C ALA B 236 12.75 -18.86 16.97
N ALA B 237 12.69 -18.35 15.75
CA ALA B 237 13.50 -18.90 14.66
C ALA B 237 14.98 -18.70 14.97
N ARG B 238 15.29 -17.62 15.69
CA ARG B 238 16.67 -17.31 16.13
C ARG B 238 17.09 -18.04 17.38
N ARG B 239 16.17 -18.78 17.98
CA ARG B 239 16.45 -19.45 19.25
C ARG B 239 16.85 -18.44 20.35
N SER B 240 16.21 -17.28 20.34
CA SER B 240 16.40 -16.29 21.41
C SER B 240 15.49 -16.65 22.58
N SER B 241 15.83 -16.18 23.78
CA SER B 241 14.95 -16.32 24.94
C SER B 241 14.30 -14.97 25.21
N VAL B 242 13.04 -14.83 24.82
CA VAL B 242 12.37 -13.54 24.80
C VAL B 242 10.94 -13.61 25.36
N LEU B 243 10.54 -12.54 26.04
CA LEU B 243 9.14 -12.32 26.35
C LEU B 243 8.67 -11.17 25.52
N VAL B 244 7.81 -11.45 24.55
CA VAL B 244 7.17 -10.40 23.81
C VAL B 244 5.93 -10.00 24.61
N VAL B 245 5.78 -8.70 24.89
CA VAL B 245 4.72 -8.26 25.79
C VAL B 245 3.82 -7.19 25.17
N HIS B 246 2.53 -7.33 25.47
CA HIS B 246 1.53 -6.34 25.10
C HIS B 246 0.57 -6.07 26.27
N GLY B 247 0.55 -4.83 26.73
CA GLY B 247 -0.39 -4.43 27.77
C GLY B 247 -1.80 -4.38 27.22
N ASP B 248 -2.73 -5.03 27.89
CA ASP B 248 -4.11 -5.07 27.43
C ASP B 248 -4.78 -3.68 27.50
N ASP B 249 -4.02 -2.70 27.98
CA ASP B 249 -4.41 -1.29 27.86
C ASP B 249 -3.73 -0.64 26.65
N GLY B 250 -3.06 -1.45 25.84
CA GLY B 250 -2.43 -0.96 24.61
C GLY B 250 -0.97 -0.59 24.78
N LEU B 251 -0.41 -0.86 25.95
CA LEU B 251 0.98 -0.49 26.26
C LEU B 251 2.01 -1.45 25.67
N ASP B 252 3.05 -0.92 25.06
CA ASP B 252 4.16 -1.76 24.59
C ASP B 252 5.15 -2.04 25.72
N GLU B 253 4.60 -2.30 26.89
CA GLU B 253 5.35 -2.66 28.08
C GLU B 253 4.47 -3.61 28.86
N LEU B 254 5.05 -4.34 29.80
CA LEU B 254 4.22 -4.95 30.84
C LEU B 254 3.55 -3.79 31.61
N THR B 255 2.22 -3.79 31.65
CA THR B 255 1.47 -2.71 32.31
C THR B 255 1.09 -3.03 33.77
N THR B 256 0.76 -1.98 34.52
CA THR B 256 0.25 -2.09 35.89
C THR B 256 -1.21 -1.64 35.97
N THR B 257 -1.75 -1.19 34.84
CA THR B 257 -3.14 -0.75 34.76
C THR B 257 -4.11 -1.93 34.72
N THR B 258 -3.79 -2.93 33.92
CA THR B 258 -4.62 -4.13 33.76
C THR B 258 -3.72 -5.35 33.58
N THR B 259 -4.24 -6.39 32.96
CA THR B 259 -3.45 -7.59 32.68
C THR B 259 -2.55 -7.38 31.45
N SER B 260 -1.70 -8.37 31.17
CA SER B 260 -0.80 -8.32 30.02
C SER B 260 -0.73 -9.65 29.28
N THR B 261 -0.58 -9.56 27.96
CA THR B 261 -0.40 -10.73 27.10
C THR B 261 1.09 -10.96 26.82
N ILE B 262 1.62 -12.10 27.26
CA ILE B 262 3.03 -12.41 27.08
C ILE B 262 3.21 -13.60 26.13
N TRP B 263 3.83 -13.36 24.98
CA TRP B 263 4.28 -14.45 24.14
C TRP B 263 5.66 -14.85 24.59
N ARG B 264 5.74 -15.98 25.30
CA ARG B 264 7.01 -16.48 25.82
C ARG B 264 7.72 -17.27 24.73
N VAL B 265 9.01 -16.97 24.55
CA VAL B 265 9.82 -17.60 23.53
C VAL B 265 11.01 -18.27 24.17
N ALA B 266 11.11 -19.59 23.98
CA ALA B 266 12.20 -20.37 24.53
C ALA B 266 12.30 -21.70 23.81
N ALA B 267 13.52 -22.13 23.56
CA ALA B 267 13.78 -23.40 22.87
C ALA B 267 13.13 -23.44 21.49
N GLY B 268 12.98 -22.27 20.86
CA GLY B 268 12.44 -22.19 19.52
C GLY B 268 10.93 -22.36 19.44
N SER B 269 10.29 -22.51 20.59
CA SER B 269 8.84 -22.64 20.67
C SER B 269 8.22 -21.38 21.28
N VAL B 270 6.96 -21.11 20.90
CA VAL B 270 6.26 -19.94 21.36
C VAL B 270 4.97 -20.31 22.11
N ASP B 271 4.86 -19.86 23.36
CA ASP B 271 3.70 -20.15 24.19
C ASP B 271 3.04 -18.86 24.63
N LYS B 272 1.80 -18.65 24.22
CA LYS B 272 1.03 -17.49 24.63
C LYS B 272 0.38 -17.69 26.00
N LEU B 273 0.40 -16.64 26.82
CA LEU B 273 -0.21 -16.72 28.15
C LEU B 273 -0.58 -15.33 28.66
N THR B 274 -1.47 -15.30 29.66
CA THR B 274 -1.93 -14.06 30.27
C THR B 274 -1.17 -13.79 31.58
N PHE B 275 -0.99 -12.51 31.90
CA PHE B 275 -0.19 -12.11 33.06
C PHE B 275 -0.87 -10.99 33.87
N ASP B 276 -1.05 -11.22 35.17
CA ASP B 276 -1.68 -10.24 36.07
C ASP B 276 -0.68 -9.79 37.16
N PRO B 277 -0.31 -8.50 37.17
CA PRO B 277 0.62 -8.01 38.19
C PRO B 277 0.08 -8.13 39.62
N ALA B 278 -1.23 -7.94 39.78
CA ALA B 278 -1.87 -8.02 41.09
C ALA B 278 -1.60 -9.37 41.77
N GLY B 279 -1.29 -10.40 41.00
CA GLY B 279 -0.89 -11.68 41.54
C GLY B 279 0.47 -11.67 42.21
N PHE B 280 1.19 -10.55 42.08
CA PHE B 280 2.50 -10.37 42.74
C PHE B 280 2.46 -9.21 43.74
N GLY B 281 1.26 -8.68 44.00
CA GLY B 281 1.07 -7.69 45.02
C GLY B 281 0.97 -6.27 44.46
N PHE B 282 0.98 -6.16 43.14
CA PHE B 282 0.94 -4.84 42.49
C PHE B 282 -0.48 -4.27 42.42
N ALA B 283 -0.67 -3.11 43.01
CA ALA B 283 -1.96 -2.42 42.95
C ALA B 283 -2.21 -1.88 41.54
N ARG B 284 -3.44 -2.05 41.06
CA ARG B 284 -3.79 -1.54 39.74
C ARG B 284 -3.68 -0.01 39.76
N ALA B 285 -2.98 0.54 38.79
CA ALA B 285 -2.81 1.98 38.66
C ALA B 285 -3.65 2.54 37.50
N GLN B 286 -3.66 3.86 37.35
CA GLN B 286 -4.33 4.53 36.25
C GLN B 286 -3.28 5.09 35.30
N LEU B 287 -3.50 4.90 34.00
CA LEU B 287 -2.51 5.30 32.99
C LEU B 287 -2.10 6.75 33.14
N ASP B 288 -2.94 7.55 33.81
CA ASP B 288 -2.61 8.93 34.09
C ASP B 288 -1.34 8.97 34.94
N GLN B 289 -1.21 8.00 35.85
CA GLN B 289 -0.10 7.95 36.80
C GLN B 289 1.23 7.60 36.11
N LEU B 290 1.15 6.95 34.96
CA LEU B 290 2.33 6.56 34.19
C LEU B 290 2.64 7.56 33.07
N ALA B 291 1.85 8.61 32.98
CA ALA B 291 2.00 9.60 31.92
C ALA B 291 3.39 10.24 31.94
N GLY B 292 3.83 10.72 30.79
CA GLY B 292 5.14 11.32 30.66
C GLY B 292 5.08 12.78 30.21
N GLY B 293 6.21 13.28 29.73
CA GLY B 293 6.30 14.65 29.27
C GLY B 293 7.48 14.79 28.32
N ASP B 294 8.10 15.96 28.34
CA ASP B 294 9.27 16.19 27.50
C ASP B 294 10.49 15.47 28.07
N ALA B 295 11.63 15.67 27.43
CA ALA B 295 12.85 14.99 27.83
C ALA B 295 13.23 15.35 29.27
N GLN B 296 13.20 16.65 29.59
CA GLN B 296 13.58 17.10 30.92
C GLN B 296 12.67 16.47 31.96
N ALA B 297 11.38 16.38 31.61
CA ALA B 297 10.38 15.82 32.52
C ALA B 297 10.61 14.34 32.74
N ASN B 298 10.86 13.61 31.66
CA ASN B 298 11.07 12.18 31.75
C ASN B 298 12.40 11.87 32.43
N ALA B 299 13.41 12.68 32.16
CA ALA B 299 14.71 12.50 32.80
C ALA B 299 14.55 12.63 34.31
N ALA B 300 13.76 13.61 34.74
CA ALA B 300 13.50 13.82 36.15
C ALA B 300 12.83 12.59 36.75
N ALA B 301 11.93 11.98 35.99
CA ALA B 301 11.21 10.82 36.50
C ALA B 301 12.15 9.60 36.66
N VAL B 302 13.16 9.51 35.82
CA VAL B 302 14.16 8.45 35.99
C VAL B 302 14.90 8.61 37.31
N ARG B 303 15.48 9.80 37.52
CA ARG B 303 16.18 10.12 38.75
C ARG B 303 15.29 9.86 39.97
N ALA B 304 14.00 10.11 39.82
CA ALA B 304 13.08 9.92 40.94
C ALA B 304 12.94 8.45 41.32
N VAL B 305 12.75 7.59 40.32
CA VAL B 305 12.60 6.16 40.57
C VAL B 305 13.91 5.55 41.10
N LEU B 306 15.03 5.94 40.51
CA LEU B 306 16.31 5.37 40.90
C LEU B 306 16.72 5.85 42.29
N GLY B 307 16.16 6.99 42.68
CA GLY B 307 16.44 7.58 43.98
C GLY B 307 15.64 6.95 45.12
N GLY B 308 14.70 6.07 44.78
CA GLY B 308 13.92 5.37 45.79
C GLY B 308 12.46 5.79 45.89
N ALA B 309 12.06 6.79 45.12
CA ALA B 309 10.66 7.24 45.16
C ALA B 309 9.72 6.07 44.85
N ARG B 310 8.73 5.86 45.73
CA ARG B 310 7.76 4.78 45.56
C ARG B 310 6.46 5.32 44.96
N GLY B 311 5.75 4.45 44.24
CA GLY B 311 4.55 4.85 43.52
C GLY B 311 4.37 4.00 42.28
N PRO B 312 3.42 4.37 41.44
CA PRO B 312 3.12 3.55 40.26
C PRO B 312 4.29 3.45 39.27
N VAL B 313 5.08 4.51 39.13
CA VAL B 313 6.18 4.45 38.16
C VAL B 313 7.21 3.41 38.59
N ARG B 314 7.61 3.44 39.86
CA ARG B 314 8.53 2.44 40.39
C ARG B 314 8.00 1.04 40.08
N ASP B 315 6.74 0.79 40.43
CA ASP B 315 6.16 -0.54 40.28
C ASP B 315 6.25 -1.08 38.85
N ALA B 316 5.94 -0.20 37.90
CA ALA B 316 5.99 -0.58 36.49
C ALA B 316 7.42 -0.89 36.07
N VAL B 317 8.36 -0.09 36.57
CA VAL B 317 9.77 -0.30 36.25
C VAL B 317 10.24 -1.63 36.83
N VAL B 318 9.84 -1.93 38.06
CA VAL B 318 10.27 -3.14 38.72
C VAL B 318 9.71 -4.36 37.99
N LEU B 319 8.47 -4.22 37.57
CA LEU B 319 7.80 -5.29 36.83
C LEU B 319 8.52 -5.61 35.51
N ASN B 320 8.83 -4.58 34.73
CA ASN B 320 9.46 -4.81 33.43
C ASN B 320 10.90 -5.30 33.61
N ALA B 321 11.64 -4.68 34.53
CA ALA B 321 12.99 -5.16 34.85
C ALA B 321 13.00 -6.64 35.20
N ALA B 322 12.03 -7.03 36.01
CA ALA B 322 11.88 -8.42 36.41
C ALA B 322 11.60 -9.30 35.21
N GLY B 323 10.77 -8.81 34.30
CA GLY B 323 10.50 -9.52 33.06
C GLY B 323 11.75 -9.80 32.24
N ALA B 324 12.59 -8.78 32.10
CA ALA B 324 13.83 -8.91 31.35
C ALA B 324 14.73 -9.94 32.01
N ILE B 325 14.67 -9.99 33.34
CA ILE B 325 15.50 -10.90 34.09
C ILE B 325 14.99 -12.33 33.90
N VAL B 326 13.67 -12.49 33.81
CA VAL B 326 13.11 -13.80 33.55
C VAL B 326 13.55 -14.28 32.15
N ALA B 327 13.47 -13.38 31.18
CA ALA B 327 13.92 -13.68 29.82
C ALA B 327 15.36 -14.17 29.82
N HIS B 328 16.20 -13.48 30.59
CA HIS B 328 17.60 -13.84 30.74
C HIS B 328 17.75 -15.24 31.33
N ALA B 329 16.90 -15.53 32.31
CA ALA B 329 16.94 -16.84 32.95
C ALA B 329 16.60 -17.92 31.94
N GLY B 330 15.71 -17.60 30.99
CA GLY B 330 15.26 -18.54 29.98
C GLY B 330 16.37 -19.12 29.12
N LEU B 331 17.52 -18.45 29.09
CA LEU B 331 18.67 -18.95 28.34
C LEU B 331 19.18 -20.28 28.89
N GLU B 336 11.89 -22.19 35.78
CA GLU B 336 10.55 -22.29 36.35
C GLU B 336 9.86 -20.92 36.36
N TRP B 337 8.71 -20.83 35.70
CA TRP B 337 8.04 -19.55 35.45
C TRP B 337 7.85 -18.68 36.70
N LEU B 338 7.16 -19.18 37.71
CA LEU B 338 6.82 -18.38 38.87
C LEU B 338 8.05 -18.06 39.73
N PRO B 339 8.91 -19.06 39.99
CA PRO B 339 10.14 -18.79 40.75
C PRO B 339 11.03 -17.76 40.06
N ALA B 340 11.18 -17.86 38.74
CA ALA B 340 11.98 -16.92 37.98
C ALA B 340 11.45 -15.50 38.17
N TRP B 341 10.13 -15.35 38.16
CA TRP B 341 9.51 -14.06 38.37
C TRP B 341 9.78 -13.53 39.77
N GLU B 342 9.80 -14.43 40.75
CA GLU B 342 10.00 -14.03 42.14
C GLU B 342 11.43 -13.56 42.36
N GLU B 343 12.38 -14.37 41.91
CA GLU B 343 13.78 -13.99 41.97
C GLU B 343 13.97 -12.70 41.16
N GLY B 344 13.29 -12.60 40.03
CA GLY B 344 13.39 -11.43 39.18
C GLY B 344 12.92 -10.18 39.91
N LEU B 345 11.81 -10.30 40.61
CA LEU B 345 11.27 -9.17 41.33
C LEU B 345 12.18 -8.77 42.50
N ARG B 346 12.79 -9.76 43.15
CA ARG B 346 13.71 -9.50 44.26
C ARG B 346 14.91 -8.74 43.74
N ARG B 347 15.49 -9.24 42.65
CA ARG B 347 16.73 -8.69 42.15
C ARG B 347 16.50 -7.28 41.65
N ALA B 348 15.34 -7.05 41.05
CA ALA B 348 15.01 -5.73 40.53
C ALA B 348 14.87 -4.73 41.68
N SER B 349 14.05 -5.07 42.66
CA SER B 349 13.83 -4.20 43.82
C SER B 349 15.13 -3.92 44.58
N ALA B 350 15.95 -4.94 44.78
CA ALA B 350 17.22 -4.77 45.47
C ALA B 350 18.19 -3.87 44.69
N ALA B 351 18.21 -4.02 43.37
CA ALA B 351 19.12 -3.20 42.57
C ALA B 351 18.77 -1.71 42.70
N ILE B 352 17.50 -1.40 42.89
CA ILE B 352 17.13 -0.03 43.19
C ILE B 352 17.46 0.30 44.63
N ASP B 353 17.03 -0.56 45.55
CA ASP B 353 17.08 -0.22 46.99
C ASP B 353 18.50 -0.11 47.54
N THR B 354 19.44 -0.88 47.00
CA THR B 354 20.83 -0.80 47.40
C THR B 354 21.48 0.46 46.91
N GLY B 355 20.78 1.17 46.03
CA GLY B 355 21.34 2.31 45.33
C GLY B 355 22.16 1.93 44.10
N ALA B 356 22.22 0.65 43.77
CA ALA B 356 23.09 0.22 42.67
C ALA B 356 22.67 0.78 41.32
N ALA B 357 21.36 0.94 41.12
CA ALA B 357 20.84 1.46 39.85
C ALA B 357 21.14 2.94 39.71
N GLU B 358 20.91 3.69 40.80
CA GLU B 358 21.29 5.09 40.82
C GLU B 358 22.78 5.24 40.52
N GLN B 359 23.58 4.39 41.13
CA GLN B 359 25.04 4.46 40.94
C GLN B 359 25.44 4.11 39.52
N LEU B 360 24.82 3.07 38.97
CA LEU B 360 25.15 2.66 37.59
C LEU B 360 24.88 3.79 36.58
N LEU B 361 23.77 4.50 36.74
CA LEU B 361 23.48 5.63 35.86
C LEU B 361 24.54 6.74 35.98
N ALA B 362 24.87 7.11 37.22
CA ALA B 362 25.93 8.10 37.44
C ALA B 362 27.25 7.66 36.80
N ARG B 363 27.59 6.38 36.89
CA ARG B 363 28.82 5.87 36.27
C ARG B 363 28.71 5.85 34.76
N TRP B 364 27.49 5.65 34.27
CA TRP B 364 27.26 5.61 32.83
C TRP B 364 27.48 6.99 32.26
N VAL B 365 26.96 7.99 32.95
CA VAL B 365 27.18 9.39 32.58
C VAL B 365 28.65 9.71 32.59
N ARG B 366 29.31 9.42 33.71
CA ARG B 366 30.73 9.70 33.87
C ARG B 366 31.55 9.02 32.77
N PHE B 367 31.14 7.83 32.33
CA PHE B 367 31.86 7.11 31.28
C PHE B 367 31.86 7.89 29.96
N GLY B 368 30.74 8.54 29.67
CA GLY B 368 30.59 9.35 28.47
C GLY B 368 31.39 10.65 28.49
N ARG B 369 31.45 11.27 29.66
CA ARG B 369 32.22 12.50 29.83
C ARG B 369 33.71 12.26 29.62
N GLN B 370 34.11 10.99 29.66
CA GLN B 370 35.49 10.59 29.35
C GLN B 370 35.62 10.12 27.91
MG MG C . -8.14 -3.88 -25.22
MG MG D . -9.99 -1.17 -25.60
C1 PRP E . -6.85 1.30 -23.56
C2 PRP E . -5.69 2.01 -22.97
C3 PRP E . -4.58 1.75 -23.97
C4 PRP E . -4.94 0.44 -24.57
C5 PRP E . -4.05 -0.66 -24.06
O1 PRP E . -7.47 2.17 -24.49
O2 PRP E . -5.97 3.40 -22.84
O3 PRP E . -4.53 2.72 -24.99
O4 PRP E . -6.28 0.16 -24.18
O5 PRP E . -3.77 -0.45 -22.69
P PRP E . -2.53 -1.25 -22.09
O1P PRP E . -2.63 -2.71 -22.41
O2P PRP E . -1.22 -0.84 -22.62
O3P PRP E . -2.46 -1.17 -20.60
PA PRP E . -8.50 1.74 -25.57
O1A PRP E . -9.50 0.76 -25.11
O2A PRP E . -9.30 2.93 -25.88
O3A PRP E . -7.66 1.29 -26.80
PB PRP E . -7.92 0.06 -27.76
O1B PRP E . -8.50 0.48 -29.05
O2B PRP E . -8.79 -1.02 -27.26
O3B PRP E . -6.64 -0.62 -28.06
C01 61L F . -3.53 10.74 -17.96
C02 61L F . -4.61 11.55 -17.65
C03 61L F . -5.82 10.98 -17.25
C04 61L F . -5.95 9.60 -17.15
C05 61L F . -4.86 8.78 -17.47
C06 61L F . -3.65 9.36 -17.86
S07 61L F . -2.24 8.37 -18.25
N08 61L F . -4.93 7.36 -17.36
C09 61L F . -5.69 6.53 -18.26
C10 61L F . -5.56 5.15 -18.16
C11 61L F . -6.56 7.06 -19.20
C12 61L F . -7.28 6.22 -20.03
C13 61L F . -7.15 4.85 -19.94
C14 61L F . -6.29 4.31 -19.01
C15 61L F . -4.62 4.55 -17.14
O16 61L F . -4.98 3.52 -16.51
O17 61L F . -3.49 5.07 -16.90
C18 61L F . -0.79 9.40 -18.22
C19 61L F . -8.22 6.81 -21.04
C20 61L F . -7.28 9.05 -16.70
P PO4 G . -30.67 4.98 -18.57
O1 PO4 G . -31.94 4.92 -19.39
O2 PO4 G . -29.80 6.09 -19.07
O3 PO4 G . -29.97 3.65 -18.70
O4 PO4 G . -31.00 5.22 -17.11
MG MG H . 9.48 0.66 25.79
MG MG I . 6.54 2.40 25.89
C1 PRP J . 10.50 2.90 21.92
C2 PRP J . 10.71 3.83 20.79
C3 PRP J . 10.59 5.21 21.39
C4 PRP J . 9.75 5.02 22.60
C5 PRP J . 8.37 5.62 22.44
O1 PRP J . 11.75 2.60 22.50
O2 PRP J . 11.98 3.59 20.20
O3 PRP J . 11.83 5.73 21.80
O4 PRP J . 9.64 3.61 22.81
O5 PRP J . 7.79 5.22 21.20
P PRP J . 6.79 6.19 20.42
O1P PRP J . 6.43 5.69 19.04
O2P PRP J . 5.49 6.36 21.08
O3P PRP J . 7.30 7.58 20.18
PA PRP J . 11.96 2.19 23.99
O1A PRP J . 13.30 1.65 24.17
O2A PRP J . 11.12 1.07 24.40
O3A PRP J . 11.83 3.47 24.92
PB PRP J . 11.10 3.53 26.34
O1B PRP J . 10.24 2.40 26.67
O2B PRP J . 10.21 4.71 26.45
O3B PRP J . 12.05 3.67 27.48
C01 61L K . 16.77 4.13 12.34
C02 61L K . 17.62 3.05 12.15
C03 61L K . 17.17 1.77 12.43
C04 61L K . 15.88 1.56 12.91
C05 61L K . 15.04 2.64 13.11
C06 61L K . 15.48 3.91 12.81
S07 61L K . 14.43 5.31 13.03
N08 61L K . 13.70 2.49 13.57
C09 61L K . 13.37 2.16 14.91
C10 61L K . 12.03 2.27 15.31
C11 61L K . 14.30 1.73 15.84
C12 61L K . 13.92 1.40 17.13
C13 61L K . 12.60 1.51 17.52
C14 61L K . 11.65 1.95 16.61
C15 61L K . 10.99 2.74 14.33
O16 61L K . 11.33 3.23 13.21
O17 61L K . 9.76 2.64 14.61
C18 61L K . 14.83 6.52 11.81
C19 61L K . 14.94 0.92 18.14
C20 61L K . 15.45 0.14 13.20
N1 IMD L . 18.28 4.19 46.09
C2 IMD L . 17.62 3.72 47.15
N3 IMD L . 17.87 4.50 48.16
C4 IMD L . 18.66 5.48 47.73
C5 IMD L . 18.94 5.30 46.41
#